data_5FSG
#
_entry.id   5FSG
#
_cell.length_a   69.630
_cell.length_b   86.840
_cell.length_c   131.500
_cell.angle_alpha   90.00
_cell.angle_beta   90.00
_cell.angle_gamma   90.00
#
_symmetry.space_group_name_H-M   'P 21 21 21'
#
loop_
_entity.id
_entity.type
_entity.pdbx_description
1 polymer 'MALTOSE-BINDING PERIPLASMIC PROTEIN, HANTAVIRUS NUCLEOPROTEIN'
2 branched alpha-D-glucopyranose-(1-4)-alpha-D-glucopyranose-(1-4)-alpha-D-glucopyranose-(1-4)-alpha-D-glucopyranose
#
_entity_poly.entity_id   1
_entity_poly.type   'polypeptide(L)'
_entity_poly.pdbx_seq_one_letter_code
;(MSE)KIEEGKLVIWINGDKGYNGLAEVGKKFEKDTGIKVTVEHPDKLEEKFPQVAATGDGPDIIFWAHDRFGGYAQSGL
LAEITPDKAFQDKLYPFTWDAVRYNGKLIAYPIAVEALSLIYNKDLLPNPPKTWEEIPALDKELKAKGKSAL(MSE)FNL
QEPYFTWPLIAADGGYAFKYENGKYDIKDVGVDNAGAKAGLTFLVDLIKNKH(MSE)NADTDYSIAEAAFNKGETA
(MSE)TINGPWAWSNIDTSKVNYGVTVLPTFKGQPSKPFVGVLSAGINAASPNKELAKEFLENYLLTDEGLEAVNKDKPL
GAVALKSYEEELAKDPRIAAT(MSE)ENAQKGEI(MSE)PNIPQ(MSE)SAFWYAVRTAVINAASGRQTVDAALAAGSAQ
TNAAATGQTADWLSIIVYLTSFVVPILLKALY(MSE)LTTRGRQTTKDNKGTRIRFKDDSSFEDVNGIRKPKHLYVSLPN
ANSS(MSE)KAEEITPGRYRTAVCGLYPAQIKARQ(MSE)ISPV(MSE)SVIGFLALAKDWSDRIEQWLIEPCKLLPDTA
AVSLLGGPATNRDYLRQRQVALGN(MSE)ETKESKAIRQHAEAAGCS(MSE)IEDIESPSSIWVFAGAPDRCPPTCLFIA
GIAELGAFFSILQD(MSE)RNTI(MSE)ASKTVGTSEEKLRKKSSFYQSYLRRTQS(MSE)GIQLDQRIIVLF(MSE)VA
WGKEAVDNFHLGDD(MSE)DPELRTLAQSLIDVKVKEISNQEPLKLLEHHHHHH
;
_entity_poly.pdbx_strand_id   A
#
# COMPACT_ATOMS: atom_id res chain seq x y z
N LYS A 2 4.38 -23.58 -19.12
CA LYS A 2 4.35 -22.24 -19.67
C LYS A 2 2.95 -21.66 -19.58
N ILE A 3 2.87 -20.39 -19.24
CA ILE A 3 1.61 -19.66 -19.31
C ILE A 3 1.23 -19.46 -20.77
N GLU A 4 0.02 -19.92 -21.06
CA GLU A 4 -0.66 -19.86 -22.34
C GLU A 4 -2.13 -19.77 -22.01
N GLU A 5 -2.88 -19.06 -22.84
CA GLU A 5 -4.33 -18.98 -22.68
C GLU A 5 -5.09 -20.31 -22.51
N GLY A 6 -4.39 -21.43 -22.42
CA GLY A 6 -5.05 -22.67 -22.06
C GLY A 6 -4.49 -23.22 -20.77
N LYS A 7 -3.20 -23.54 -20.83
CA LYS A 7 -2.47 -24.16 -19.74
C LYS A 7 -2.49 -23.36 -18.45
N LEU A 8 -2.36 -24.06 -17.32
CA LEU A 8 -2.33 -23.43 -16.00
C LEU A 8 -1.01 -23.72 -15.29
N VAL A 9 -0.39 -22.67 -14.73
CA VAL A 9 0.82 -22.83 -13.92
C VAL A 9 0.51 -22.38 -12.49
N ILE A 10 0.83 -23.24 -11.52
CA ILE A 10 0.54 -22.95 -10.13
C ILE A 10 1.84 -23.00 -9.31
N TRP A 11 2.02 -22.01 -8.44
CA TRP A 11 3.14 -22.01 -7.50
C TRP A 11 2.68 -22.17 -6.05
N ILE A 12 3.33 -23.08 -5.32
CA ILE A 12 3.03 -23.30 -3.91
C ILE A 12 4.32 -23.63 -3.19
N ASN A 13 4.41 -23.26 -1.91
CA ASN A 13 5.63 -23.48 -1.13
C ASN A 13 5.92 -24.97 -0.94
N GLY A 14 7.20 -25.30 -0.84
CA GLY A 14 7.65 -26.67 -0.74
C GLY A 14 7.37 -27.38 0.57
N ASP A 15 6.98 -26.63 1.60
CA ASP A 15 6.56 -27.23 2.86
C ASP A 15 5.09 -27.62 2.88
N LYS A 16 4.36 -27.29 1.81
CA LYS A 16 2.94 -27.62 1.73
C LYS A 16 2.71 -28.87 0.89
N GLY A 17 1.45 -29.31 0.84
CA GLY A 17 1.09 -30.54 0.15
C GLY A 17 1.01 -30.42 -1.36
N TYR A 18 2.12 -30.07 -1.98
CA TYR A 18 2.16 -29.83 -3.42
C TYR A 18 1.87 -31.09 -4.23
N ASN A 19 2.27 -32.24 -3.71
CA ASN A 19 1.98 -33.52 -4.37
C ASN A 19 0.50 -33.85 -4.38
N GLY A 20 -0.19 -33.60 -3.27
CA GLY A 20 -1.62 -33.82 -3.21
C GLY A 20 -2.38 -32.88 -4.10
N LEU A 21 -1.92 -31.63 -4.14
CA LEU A 21 -2.47 -30.61 -5.04
C LEU A 21 -2.32 -31.00 -6.51
N ALA A 22 -1.17 -31.58 -6.86
CA ALA A 22 -0.92 -32.05 -8.21
C ALA A 22 -1.91 -33.15 -8.61
N GLU A 23 -2.32 -33.95 -7.63
CA GLU A 23 -3.35 -34.96 -7.83
C GLU A 23 -4.67 -34.33 -8.26
N VAL A 24 -5.02 -33.21 -7.63
CA VAL A 24 -6.21 -32.46 -7.99
C VAL A 24 -6.10 -31.98 -9.44
N GLY A 25 -4.93 -31.46 -9.81
CA GLY A 25 -4.67 -31.07 -11.18
C GLY A 25 -4.94 -32.18 -12.18
N LYS A 26 -4.56 -33.41 -11.84
CA LYS A 26 -4.77 -34.55 -12.73
C LYS A 26 -6.27 -34.80 -12.92
N LYS A 27 -7.03 -34.58 -11.86
CA LYS A 27 -8.48 -34.75 -11.89
C LYS A 27 -9.11 -33.68 -12.77
N PHE A 28 -8.58 -32.47 -12.63
CA PHE A 28 -8.99 -31.35 -13.47
C PHE A 28 -8.72 -31.69 -14.93
N GLU A 29 -7.59 -32.31 -15.21
CA GLU A 29 -7.26 -32.62 -16.59
C GLU A 29 -8.27 -33.64 -17.13
N LYS A 30 -8.63 -34.61 -16.31
CA LYS A 30 -9.60 -35.63 -16.72
C LYS A 30 -10.97 -35.07 -17.12
N ASP A 31 -11.53 -34.18 -16.30
CA ASP A 31 -12.89 -33.69 -16.60
C ASP A 31 -13.00 -32.69 -17.75
N THR A 32 -12.02 -31.78 -17.86
CA THR A 32 -12.20 -30.62 -18.75
C THR A 32 -11.21 -30.68 -19.92
N GLY A 33 -10.16 -31.46 -19.75
CA GLY A 33 -9.04 -31.44 -20.68
C GLY A 33 -8.07 -30.28 -20.51
N ILE A 34 -7.66 -30.01 -19.28
CA ILE A 34 -6.75 -28.90 -18.98
C ILE A 34 -5.64 -29.40 -18.08
N LYS A 35 -4.42 -29.45 -18.61
CA LYS A 35 -3.25 -29.81 -17.82
C LYS A 35 -2.89 -28.78 -16.74
N VAL A 36 -2.56 -29.30 -15.56
CA VAL A 36 -2.13 -28.51 -14.42
C VAL A 36 -0.73 -28.94 -13.98
N THR A 37 0.24 -28.03 -14.07
CA THR A 37 1.62 -28.35 -13.72
C THR A 37 1.96 -27.62 -12.43
N VAL A 38 2.27 -28.41 -11.40
CA VAL A 38 2.63 -27.86 -10.10
C VAL A 38 4.13 -27.79 -9.86
N GLU A 39 4.62 -26.59 -9.56
CA GLU A 39 6.02 -26.39 -9.23
C GLU A 39 6.10 -25.76 -7.84
N HIS A 40 7.23 -25.96 -7.16
CA HIS A 40 7.44 -25.35 -5.84
C HIS A 40 8.83 -24.72 -5.73
N PRO A 41 9.13 -23.71 -6.57
CA PRO A 41 10.48 -23.14 -6.48
C PRO A 41 10.78 -22.51 -5.13
N ASP A 42 12.05 -22.55 -4.72
CA ASP A 42 12.52 -21.76 -3.59
C ASP A 42 12.31 -20.26 -3.82
N LYS A 43 12.03 -19.55 -2.73
CA LYS A 43 11.96 -18.09 -2.74
C LYS A 43 10.97 -17.57 -3.77
N LEU A 44 9.89 -18.31 -3.99
CA LEU A 44 8.92 -17.98 -5.03
C LEU A 44 8.30 -16.61 -4.79
N GLU A 45 8.13 -16.25 -3.51
CA GLU A 45 7.48 -15.00 -3.10
C GLU A 45 8.29 -13.73 -3.37
N GLU A 46 9.61 -13.82 -3.42
CA GLU A 46 10.44 -12.65 -3.76
C GLU A 46 10.59 -12.45 -5.27
N LYS A 47 10.74 -13.54 -6.01
CA LYS A 47 10.92 -13.54 -7.47
C LYS A 47 9.63 -13.09 -8.17
N PHE A 48 8.49 -13.52 -7.65
CA PHE A 48 7.17 -13.36 -8.27
C PHE A 48 6.92 -11.93 -8.79
N PRO A 49 7.12 -10.89 -7.96
CA PRO A 49 6.82 -9.55 -8.49
C PRO A 49 7.74 -9.19 -9.67
N GLN A 50 8.87 -9.87 -9.77
CA GLN A 50 9.88 -9.62 -10.79
C GLN A 50 9.46 -10.26 -12.11
N VAL A 51 8.69 -11.34 -12.03
CA VAL A 51 8.30 -12.15 -13.19
C VAL A 51 6.84 -11.86 -13.48
N ALA A 52 6.12 -11.42 -12.47
CA ALA A 52 4.69 -11.19 -12.58
C ALA A 52 4.49 -10.18 -13.71
N ALA A 53 5.37 -9.18 -13.74
CA ALA A 53 5.27 -8.09 -14.69
C ALA A 53 5.90 -8.41 -16.05
N THR A 54 6.71 -9.47 -16.13
CA THR A 54 7.42 -9.74 -17.39
C THR A 54 6.85 -10.95 -18.14
N GLY A 55 5.65 -11.37 -17.80
CA GLY A 55 4.97 -12.39 -18.60
C GLY A 55 5.37 -13.81 -18.24
N ASP A 56 6.00 -14.01 -17.09
CA ASP A 56 6.66 -15.27 -16.80
C ASP A 56 6.39 -15.84 -15.41
N GLY A 57 5.34 -15.37 -14.76
CA GLY A 57 5.04 -15.85 -13.42
C GLY A 57 4.03 -16.98 -13.52
N PRO A 58 3.49 -17.43 -12.38
CA PRO A 58 2.38 -18.37 -12.51
C PRO A 58 1.04 -17.66 -12.75
N ASP A 59 0.05 -18.41 -13.21
CA ASP A 59 -1.31 -17.89 -13.24
C ASP A 59 -1.87 -17.77 -11.84
N ILE A 60 -1.52 -18.72 -10.98
CA ILE A 60 -2.02 -18.76 -9.62
C ILE A 60 -0.87 -18.91 -8.63
N ILE A 61 -0.89 -18.10 -7.58
CA ILE A 61 0.09 -18.16 -6.51
C ILE A 61 -0.59 -18.53 -5.20
N PHE A 62 -0.06 -19.51 -4.50
CA PHE A 62 -0.50 -19.83 -3.15
C PHE A 62 0.50 -19.33 -2.12
N TRP A 63 0.01 -18.61 -1.12
CA TRP A 63 0.81 -18.22 0.03
C TRP A 63 -0.12 -17.79 1.17
N ALA A 64 0.43 -17.65 2.37
CA ALA A 64 -0.30 -16.99 3.44
C ALA A 64 -0.65 -15.57 3.02
N HIS A 65 -1.71 -15.03 3.62
CA HIS A 65 -2.30 -13.78 3.18
C HIS A 65 -1.42 -12.54 3.35
N ASP A 66 -0.41 -12.61 4.20
CA ASP A 66 0.40 -11.42 4.46
C ASP A 66 1.15 -10.78 3.29
N ARG A 67 1.59 -11.55 2.31
CA ARG A 67 2.28 -10.95 1.17
C ARG A 67 1.32 -10.28 0.19
N PHE A 68 0.04 -10.63 0.28
CA PHE A 68 -0.89 -10.36 -0.80
C PHE A 68 -1.37 -8.92 -0.81
N GLY A 69 -1.38 -8.28 0.35
CA GLY A 69 -1.74 -6.88 0.41
C GLY A 69 -0.75 -6.07 -0.41
N GLY A 70 0.53 -6.41 -0.28
CA GLY A 70 1.58 -5.79 -1.07
C GLY A 70 1.45 -6.02 -2.56
N TYR A 71 1.09 -7.24 -2.94
CA TYR A 71 0.89 -7.58 -4.34
C TYR A 71 -0.26 -6.80 -4.97
N ALA A 72 -1.36 -6.67 -4.24
CA ALA A 72 -2.55 -6.00 -4.77
C ALA A 72 -2.33 -4.50 -5.03
N GLN A 73 -1.68 -3.81 -4.09
CA GLN A 73 -1.43 -2.38 -4.25
C GLN A 73 -0.63 -2.12 -5.52
N SER A 74 0.24 -3.05 -5.89
CA SER A 74 1.04 -2.92 -7.09
C SER A 74 0.27 -3.35 -8.34
N GLY A 75 -0.96 -3.82 -8.14
CA GLY A 75 -1.80 -4.24 -9.24
C GLY A 75 -1.46 -5.59 -9.84
N LEU A 76 -0.79 -6.44 -9.08
CA LEU A 76 -0.29 -7.70 -9.63
C LEU A 76 -1.37 -8.78 -9.59
N LEU A 77 -2.45 -8.52 -8.85
CA LEU A 77 -3.46 -9.54 -8.56
C LEU A 77 -4.80 -9.16 -9.20
N ALA A 78 -5.41 -10.15 -9.84
CA ALA A 78 -6.76 -10.05 -10.39
C ALA A 78 -7.84 -9.99 -9.30
N GLU A 79 -8.85 -9.15 -9.53
CA GLU A 79 -10.03 -9.06 -8.68
C GLU A 79 -10.88 -10.34 -8.72
N ILE A 80 -11.32 -10.70 -7.51
CA ILE A 80 -12.09 -11.90 -7.19
C ILE A 80 -13.57 -11.54 -7.07
N THR A 81 -14.42 -12.26 -7.80
CA THR A 81 -15.86 -11.98 -7.79
C THR A 81 -16.75 -13.22 -7.67
N PRO A 82 -16.64 -13.93 -6.54
CA PRO A 82 -17.35 -15.18 -6.25
C PRO A 82 -18.84 -14.92 -6.05
N ASP A 83 -19.70 -15.92 -6.24
CA ASP A 83 -21.11 -15.75 -5.93
C ASP A 83 -21.36 -15.38 -4.46
N LYS A 84 -22.41 -14.62 -4.21
CA LYS A 84 -22.80 -14.27 -2.84
C LYS A 84 -22.93 -15.57 -2.04
N ALA A 85 -23.52 -16.56 -2.71
CA ALA A 85 -23.83 -17.89 -2.20
C ALA A 85 -22.57 -18.64 -1.75
N PHE A 86 -21.51 -18.44 -2.50
CA PHE A 86 -20.21 -19.06 -2.24
C PHE A 86 -19.54 -18.51 -0.99
N GLN A 87 -19.57 -17.19 -0.81
CA GLN A 87 -19.01 -16.61 0.40
C GLN A 87 -19.59 -17.31 1.62
N ASP A 88 -20.89 -17.58 1.60
CA ASP A 88 -21.52 -18.25 2.74
C ASP A 88 -21.06 -19.70 2.95
N LYS A 89 -20.37 -20.31 1.99
CA LYS A 89 -19.89 -21.67 2.26
C LYS A 89 -18.61 -21.71 3.09
N LEU A 90 -17.92 -20.56 3.17
CA LEU A 90 -16.65 -20.48 3.89
C LEU A 90 -16.85 -19.49 5.04
N TYR A 91 -16.12 -19.67 6.14
CA TYR A 91 -16.23 -18.74 7.26
C TYR A 91 -15.86 -17.30 6.90
N PRO A 92 -16.67 -16.32 7.33
CA PRO A 92 -16.47 -14.88 7.09
C PRO A 92 -15.11 -14.31 7.51
N PHE A 93 -14.56 -14.79 8.62
CA PHE A 93 -13.32 -14.24 9.16
C PHE A 93 -12.14 -14.54 8.24
N THR A 94 -12.28 -15.59 7.44
CA THR A 94 -11.23 -15.97 6.49
C THR A 94 -11.20 -14.97 5.34
N TRP A 95 -12.37 -14.52 4.90
CA TRP A 95 -12.44 -13.42 3.95
C TRP A 95 -11.80 -12.14 4.47
N ASP A 96 -11.95 -11.87 5.76
CA ASP A 96 -11.34 -10.67 6.32
C ASP A 96 -9.82 -10.70 6.17
N ALA A 97 -9.22 -11.88 6.31
CA ALA A 97 -7.77 -11.98 6.21
C ALA A 97 -7.32 -11.64 4.81
N VAL A 98 -8.18 -11.92 3.84
CA VAL A 98 -7.87 -11.71 2.43
C VAL A 98 -8.68 -10.53 1.90
N ARG A 99 -9.13 -9.67 2.80
CA ARG A 99 -9.80 -8.43 2.40
C ARG A 99 -8.84 -7.26 2.53
N TYR A 100 -8.79 -6.46 1.47
CA TYR A 100 -7.90 -5.31 1.41
C TYR A 100 -8.66 -4.18 0.74
N ASN A 101 -8.77 -3.07 1.46
CA ASN A 101 -9.47 -1.89 0.96
C ASN A 101 -10.86 -2.28 0.44
N GLY A 102 -11.50 -3.21 1.12
CA GLY A 102 -12.86 -3.60 0.76
C GLY A 102 -12.94 -4.58 -0.39
N LYS A 103 -11.77 -4.98 -0.92
CA LYS A 103 -11.71 -5.81 -2.12
C LYS A 103 -11.08 -7.16 -1.84
N LEU A 104 -11.67 -8.20 -2.44
CA LEU A 104 -11.13 -9.56 -2.46
C LEU A 104 -9.94 -9.68 -3.41
N ILE A 105 -8.84 -10.21 -2.89
CA ILE A 105 -7.59 -10.31 -3.63
C ILE A 105 -7.06 -11.75 -3.71
N ALA A 106 -7.75 -12.67 -3.05
CA ALA A 106 -7.40 -14.09 -3.15
C ALA A 106 -8.50 -14.95 -2.53
N TYR A 107 -8.45 -16.25 -2.79
CA TYR A 107 -9.31 -17.21 -2.10
C TYR A 107 -8.61 -17.82 -0.89
N PRO A 108 -9.24 -17.76 0.29
CA PRO A 108 -8.71 -18.47 1.45
C PRO A 108 -8.91 -19.98 1.38
N ILE A 109 -7.92 -20.73 1.83
CA ILE A 109 -7.94 -22.18 1.77
C ILE A 109 -7.95 -22.77 3.19
N ALA A 110 -7.02 -22.33 4.02
CA ALA A 110 -6.85 -22.93 5.34
C ALA A 110 -6.11 -22.01 6.31
N VAL A 111 -6.42 -22.20 7.59
CA VAL A 111 -5.87 -21.41 8.68
C VAL A 111 -4.75 -22.18 9.37
N GLU A 112 -3.58 -21.57 9.44
CA GLU A 112 -2.40 -22.20 10.02
C GLU A 112 -1.93 -21.45 11.26
N ALA A 113 -1.69 -22.21 12.33
CA ALA A 113 -1.03 -21.68 13.52
C ALA A 113 -0.04 -22.70 14.07
N LEU A 114 1.06 -22.21 14.64
CA LEU A 114 1.99 -23.04 15.38
C LEU A 114 1.43 -23.60 16.68
N SER A 115 1.81 -24.83 17.00
CA SER A 115 1.52 -25.44 18.28
C SER A 115 2.79 -26.02 18.90
N LEU A 116 2.72 -26.39 20.17
CA LEU A 116 3.77 -27.18 20.81
C LEU A 116 3.61 -28.68 20.52
N ILE A 117 4.64 -29.28 19.94
CA ILE A 117 4.63 -30.72 19.67
C ILE A 117 5.63 -31.39 20.61
N TYR A 118 5.16 -32.41 21.31
CA TYR A 118 5.97 -33.08 22.33
C TYR A 118 5.85 -34.61 22.19
N ASN A 119 6.89 -35.32 22.60
CA ASN A 119 6.90 -36.78 22.51
C ASN A 119 6.30 -37.36 23.77
N LYS A 120 5.14 -37.99 23.64
CA LYS A 120 4.41 -38.49 24.80
C LYS A 120 5.13 -39.60 25.54
N ASP A 121 6.01 -40.33 24.84
CA ASP A 121 6.76 -41.39 25.49
C ASP A 121 7.93 -40.84 26.28
N LEU A 122 8.57 -39.79 25.74
CA LEU A 122 9.76 -39.22 26.34
C LEU A 122 9.40 -38.21 27.43
N LEU A 123 8.18 -37.67 27.33
CA LEU A 123 7.80 -36.46 28.04
C LEU A 123 6.29 -36.43 28.22
N PRO A 124 5.76 -37.41 28.98
CA PRO A 124 4.31 -37.50 29.21
C PRO A 124 3.76 -36.35 30.06
N ASN A 125 4.63 -35.57 30.69
CA ASN A 125 4.20 -34.38 31.40
C ASN A 125 4.85 -33.16 30.75
N PRO A 126 4.29 -32.68 29.63
CA PRO A 126 4.91 -31.53 28.96
C PRO A 126 4.82 -30.26 29.80
N PRO A 127 5.81 -29.37 29.66
CA PRO A 127 5.77 -28.20 30.55
C PRO A 127 4.60 -27.25 30.26
N LYS A 128 4.11 -26.60 31.31
CA LYS A 128 3.00 -25.65 31.19
C LYS A 128 3.54 -24.28 30.76
N THR A 129 4.73 -23.99 31.28
CA THR A 129 5.41 -22.70 31.14
C THR A 129 6.77 -22.84 30.44
N TRP A 130 7.15 -21.77 29.75
CA TRP A 130 8.50 -21.65 29.22
C TRP A 130 9.52 -21.73 30.34
N GLU A 131 9.27 -21.03 31.43
CA GLU A 131 10.32 -20.76 32.42
C GLU A 131 10.77 -22.01 33.17
N GLU A 132 9.91 -23.03 33.25
CA GLU A 132 10.34 -24.37 33.66
C GLU A 132 11.21 -25.16 32.66
N ILE A 133 11.20 -24.80 31.39
CA ILE A 133 12.02 -25.51 30.40
C ILE A 133 13.49 -25.66 30.80
N PRO A 134 14.10 -24.62 31.39
CA PRO A 134 15.53 -24.75 31.72
C PRO A 134 15.88 -25.84 32.74
N ALA A 135 15.10 -25.95 33.81
CA ALA A 135 15.31 -26.98 34.82
C ALA A 135 15.13 -28.39 34.24
N LEU A 136 14.19 -28.50 33.30
CA LEU A 136 13.84 -29.74 32.63
C LEU A 136 14.96 -30.24 31.71
N ASP A 137 15.59 -29.32 31.00
CA ASP A 137 16.76 -29.62 30.18
C ASP A 137 17.94 -30.29 30.88
N LYS A 138 18.23 -29.96 32.12
CA LYS A 138 19.39 -30.58 32.77
C LYS A 138 19.26 -32.10 32.92
N GLU A 139 18.11 -32.56 33.39
CA GLU A 139 17.87 -34.00 33.54
C GLU A 139 17.94 -34.78 32.22
N LEU A 140 17.22 -34.30 31.21
CA LEU A 140 17.18 -34.94 29.90
C LEU A 140 18.54 -34.93 29.20
N LYS A 141 19.28 -33.82 29.32
CA LYS A 141 20.60 -33.70 28.71
C LYS A 141 21.51 -34.79 29.27
N ALA A 142 21.24 -35.17 30.52
CA ALA A 142 21.98 -36.20 31.24
C ALA A 142 21.63 -37.59 30.70
N LYS A 143 20.71 -37.65 29.73
CA LYS A 143 20.35 -38.90 29.08
C LYS A 143 20.37 -38.81 27.55
N GLY A 144 21.23 -37.93 27.04
CA GLY A 144 21.52 -37.88 25.61
C GLY A 144 20.48 -37.19 24.74
N LYS A 145 19.61 -36.40 25.36
CA LYS A 145 18.51 -35.76 24.63
C LYS A 145 18.56 -34.26 24.82
N SER A 146 17.71 -33.54 24.10
CA SER A 146 17.51 -32.12 24.35
C SER A 146 16.03 -31.83 24.60
N ALA A 147 15.75 -30.66 25.20
CA ALA A 147 14.37 -30.28 25.46
C ALA A 147 13.65 -29.81 24.20
N LEU A 148 14.29 -28.92 23.44
CA LEU A 148 13.58 -28.18 22.40
C LEU A 148 14.52 -27.79 21.27
N PHE A 150 13.99 -25.84 17.36
CA PHE A 150 13.14 -25.28 16.32
C PHE A 150 13.88 -24.22 15.49
N ASN A 151 13.31 -23.89 14.33
CA ASN A 151 13.93 -22.95 13.41
C ASN A 151 13.96 -21.51 13.91
N LEU A 152 15.13 -21.10 14.38
CA LEU A 152 15.41 -19.73 14.81
C LEU A 152 15.68 -18.79 13.63
N GLN A 153 15.81 -19.37 12.44
CA GLN A 153 16.20 -18.58 11.27
C GLN A 153 14.99 -17.92 10.62
N GLU A 154 13.79 -18.35 11.01
CA GLU A 154 12.58 -17.70 10.53
C GLU A 154 11.87 -17.11 11.74
N PRO A 155 11.62 -15.78 11.72
CA PRO A 155 11.04 -15.13 12.91
C PRO A 155 9.64 -15.61 13.28
N TYR A 156 8.93 -16.20 12.32
CA TYR A 156 7.63 -16.82 12.60
C TYR A 156 7.67 -17.72 13.83
N PHE A 157 8.75 -18.49 13.97
CA PHE A 157 8.82 -19.52 15.01
C PHE A 157 9.22 -18.93 16.37
N THR A 158 9.91 -17.79 16.34
CA THR A 158 10.32 -17.11 17.56
C THR A 158 9.35 -16.01 17.98
N TRP A 159 8.61 -15.46 17.02
CA TRP A 159 7.63 -14.42 17.30
C TRP A 159 6.66 -14.75 18.45
N PRO A 160 6.18 -16.01 18.54
CA PRO A 160 5.22 -16.25 19.62
C PRO A 160 5.77 -15.94 21.00
N LEU A 161 7.06 -16.20 21.22
CA LEU A 161 7.72 -15.85 22.47
C LEU A 161 7.86 -14.32 22.55
N ILE A 162 8.32 -13.71 21.46
CA ILE A 162 8.47 -12.26 21.38
C ILE A 162 7.14 -11.55 21.61
N ALA A 163 6.06 -12.14 21.09
CA ALA A 163 4.72 -11.56 21.24
C ALA A 163 4.18 -11.86 22.63
N ALA A 164 4.77 -12.85 23.29
CA ALA A 164 4.27 -13.39 24.55
C ALA A 164 4.05 -12.28 25.58
N ASP A 165 5.04 -11.40 25.74
CA ASP A 165 4.98 -10.37 26.78
C ASP A 165 4.61 -8.99 26.22
N GLY A 166 4.02 -8.97 25.03
CA GLY A 166 3.32 -7.79 24.57
C GLY A 166 3.80 -7.28 23.23
N GLY A 167 4.83 -7.89 22.67
CA GLY A 167 5.29 -7.47 21.36
C GLY A 167 4.20 -7.54 20.31
N TYR A 168 4.19 -6.56 19.43
CA TYR A 168 3.30 -6.56 18.30
C TYR A 168 4.01 -5.94 17.10
N ALA A 169 3.46 -6.21 15.92
CA ALA A 169 3.99 -5.68 14.67
C ALA A 169 3.39 -4.27 14.62
N PHE A 170 2.15 -4.18 14.17
CA PHE A 170 1.45 -2.90 14.16
C PHE A 170 0.23 -2.98 15.06
N LYS A 171 -0.01 -1.91 15.82
CA LYS A 171 -1.14 -1.89 16.75
C LYS A 171 -2.47 -1.82 16.02
N TYR A 172 -3.41 -2.67 16.43
CA TYR A 172 -4.75 -2.70 15.85
C TYR A 172 -5.74 -1.93 16.73
N GLU A 173 -6.40 -0.94 16.14
CA GLU A 173 -7.31 -0.09 16.91
C GLU A 173 -8.26 0.66 15.99
N ASN A 174 -9.51 0.75 16.44
CA ASN A 174 -10.58 1.41 15.70
C ASN A 174 -10.73 0.80 14.32
N GLY A 175 -10.65 -0.52 14.25
CA GLY A 175 -10.89 -1.25 13.02
C GLY A 175 -9.71 -1.33 12.06
N LYS A 176 -8.57 -0.76 12.44
CA LYS A 176 -7.39 -0.81 11.57
C LYS A 176 -6.06 -0.76 12.31
N TYR A 177 -5.00 -1.12 11.59
CA TYR A 177 -3.60 -1.02 12.03
C TYR A 177 -2.93 0.34 11.86
N ASP A 178 -2.33 0.83 12.94
CA ASP A 178 -1.54 2.07 12.92
C ASP A 178 -0.10 1.76 12.48
N ILE A 179 0.22 2.11 11.24
CA ILE A 179 1.48 1.73 10.60
C ILE A 179 2.70 2.44 11.19
N LYS A 180 2.46 3.47 12.01
CA LYS A 180 3.55 4.19 12.69
C LYS A 180 3.69 3.78 14.15
N ASP A 181 2.83 2.89 14.61
CA ASP A 181 2.86 2.45 16.00
C ASP A 181 3.37 1.01 16.05
N VAL A 182 4.69 0.87 16.10
CA VAL A 182 5.35 -0.41 16.03
C VAL A 182 5.88 -0.82 17.40
N GLY A 183 5.62 -2.06 17.78
CA GLY A 183 5.84 -2.51 19.14
C GLY A 183 7.05 -3.41 19.30
N VAL A 184 7.98 -3.32 18.37
CA VAL A 184 9.09 -4.27 18.34
C VAL A 184 10.16 -3.82 19.34
N ASP A 185 10.05 -2.58 19.82
CA ASP A 185 11.07 -2.02 20.69
C ASP A 185 10.48 -1.68 22.06
N ASN A 186 9.29 -2.20 22.34
CA ASN A 186 8.65 -2.00 23.64
C ASN A 186 9.27 -2.85 24.74
N ALA A 187 8.87 -2.57 25.98
CA ALA A 187 9.36 -3.28 27.15
C ALA A 187 9.18 -4.79 26.94
N GLY A 188 7.98 -5.14 26.47
CA GLY A 188 7.56 -6.51 26.27
C GLY A 188 8.39 -7.32 25.29
N ALA A 189 8.76 -6.69 24.18
CA ALA A 189 9.60 -7.34 23.18
C ALA A 189 11.01 -7.58 23.72
N LYS A 190 11.53 -6.67 24.51
CA LYS A 190 12.89 -6.81 25.01
C LYS A 190 12.99 -7.94 26.05
N ALA A 191 11.98 -8.05 26.90
CA ALA A 191 11.96 -9.11 27.91
C ALA A 191 11.95 -10.50 27.26
N GLY A 192 10.95 -10.74 26.42
CA GLY A 192 10.73 -12.03 25.79
C GLY A 192 11.93 -12.60 25.05
N LEU A 193 12.55 -11.77 24.24
CA LEU A 193 13.73 -12.13 23.44
C LEU A 193 14.91 -12.52 24.33
N THR A 194 15.23 -11.66 25.30
CA THR A 194 16.26 -11.96 26.29
C THR A 194 16.16 -13.39 26.82
N PHE A 195 14.96 -13.88 27.12
CA PHE A 195 14.83 -15.23 27.64
C PHE A 195 15.38 -16.27 26.66
N LEU A 196 15.01 -16.17 25.38
CA LEU A 196 15.52 -17.06 24.35
C LEU A 196 17.04 -17.08 24.18
N VAL A 197 17.66 -15.90 24.20
CA VAL A 197 19.10 -15.76 23.96
C VAL A 197 19.90 -16.45 25.05
N ASP A 198 19.38 -16.43 26.28
CA ASP A 198 20.03 -17.08 27.41
C ASP A 198 19.98 -18.59 27.29
N LEU A 199 18.92 -19.12 26.66
CA LEU A 199 18.77 -20.55 26.48
C LEU A 199 19.95 -21.01 25.63
N ILE A 200 20.28 -20.19 24.63
CA ILE A 200 21.36 -20.48 23.70
C ILE A 200 22.66 -20.41 24.50
N LYS A 201 22.91 -19.28 25.16
CA LYS A 201 24.18 -19.02 25.82
C LYS A 201 24.48 -20.13 26.84
N ASN A 202 23.42 -20.69 27.41
CA ASN A 202 23.54 -21.79 28.36
C ASN A 202 23.56 -23.14 27.66
N LYS A 203 23.70 -23.12 26.33
CA LYS A 203 23.90 -24.34 25.55
C LYS A 203 22.70 -25.27 25.66
N HIS A 204 21.51 -24.69 25.75
CA HIS A 204 20.28 -25.47 25.72
C HIS A 204 19.78 -25.56 24.29
N ASN A 206 21.21 -24.36 20.12
CA ASN A 206 22.31 -23.87 19.29
C ASN A 206 21.76 -22.88 18.26
N ALA A 207 22.32 -21.68 18.21
CA ALA A 207 21.81 -20.66 17.31
C ALA A 207 21.83 -21.14 15.86
N ASP A 208 22.73 -22.07 15.56
CA ASP A 208 22.90 -22.57 14.19
C ASP A 208 21.92 -23.72 13.92
N THR A 209 20.63 -23.44 13.99
CA THR A 209 19.63 -24.49 13.81
C THR A 209 18.46 -24.04 12.94
N ASP A 210 18.15 -24.85 11.94
CA ASP A 210 17.06 -24.55 11.01
C ASP A 210 16.00 -25.65 11.02
N TYR A 211 15.03 -25.52 10.11
CA TYR A 211 13.90 -26.43 10.02
C TYR A 211 14.20 -27.91 9.78
N SER A 212 15.06 -28.23 8.82
CA SER A 212 15.28 -29.63 8.47
C SER A 212 16.00 -30.46 9.53
N ILE A 213 17.03 -29.91 10.15
CA ILE A 213 17.74 -30.60 11.22
C ILE A 213 16.79 -30.95 12.38
N ALA A 214 15.99 -29.97 12.80
CA ALA A 214 15.12 -30.11 13.97
C ALA A 214 14.03 -31.15 13.77
N GLU A 215 13.40 -31.15 12.61
CA GLU A 215 12.36 -32.14 12.32
C GLU A 215 13.03 -33.50 12.46
N ALA A 216 14.18 -33.66 11.81
CA ALA A 216 14.96 -34.88 11.87
C ALA A 216 15.31 -35.21 13.32
N ALA A 217 15.72 -34.21 14.08
CA ALA A 217 16.16 -34.40 15.46
C ALA A 217 14.97 -34.90 16.27
N PHE A 218 13.82 -34.29 16.07
CA PHE A 218 12.59 -34.67 16.77
C PHE A 218 12.26 -36.08 16.30
N ASN A 219 12.33 -36.28 14.98
CA ASN A 219 11.85 -37.49 14.33
C ASN A 219 12.79 -38.64 14.66
N LYS A 220 14.04 -38.31 15.00
CA LYS A 220 15.02 -39.30 15.42
C LYS A 220 14.91 -39.61 16.92
N GLY A 221 14.01 -38.93 17.62
CA GLY A 221 13.82 -39.19 19.03
C GLY A 221 14.87 -38.52 19.90
N GLU A 222 15.55 -37.53 19.33
CA GLU A 222 16.65 -36.86 20.00
C GLU A 222 16.17 -35.70 20.86
N THR A 223 15.05 -35.08 20.48
CA THR A 223 14.52 -33.95 21.23
C THR A 223 13.09 -34.23 21.70
N ALA A 224 12.79 -33.81 22.92
CA ALA A 224 11.50 -34.12 23.54
C ALA A 224 10.38 -33.27 22.94
N THR A 226 9.24 -29.93 19.95
CA THR A 226 9.51 -29.02 18.85
C THR A 226 8.37 -28.01 18.71
N ILE A 227 8.61 -26.96 17.93
CA ILE A 227 7.58 -25.97 17.63
C ILE A 227 7.44 -25.97 16.11
N ASN A 228 6.23 -26.29 15.63
CA ASN A 228 5.98 -26.45 14.20
C ASN A 228 4.48 -26.39 13.92
N GLY A 229 4.14 -26.30 12.63
CA GLY A 229 2.76 -26.21 12.21
C GLY A 229 2.23 -27.52 11.69
N PRO A 230 0.95 -27.54 11.27
CA PRO A 230 0.28 -28.79 10.89
C PRO A 230 0.95 -29.53 9.73
N TRP A 231 1.57 -28.77 8.83
CA TRP A 231 2.26 -29.34 7.67
C TRP A 231 3.32 -30.36 8.06
N ALA A 232 3.87 -30.22 9.26
CA ALA A 232 4.97 -31.07 9.71
C ALA A 232 4.52 -32.47 10.14
N TRP A 233 3.22 -32.63 10.38
CA TRP A 233 2.70 -33.85 10.98
C TRP A 233 2.88 -35.08 10.09
N SER A 234 2.86 -34.89 8.78
CA SER A 234 2.96 -36.00 7.84
C SER A 234 4.29 -36.74 7.94
N ASN A 235 5.39 -35.98 7.94
CA ASN A 235 6.72 -36.56 8.02
C ASN A 235 7.00 -37.21 9.38
N ILE A 236 6.43 -36.64 10.44
CA ILE A 236 6.55 -37.22 11.77
C ILE A 236 5.89 -38.59 11.85
N ASP A 237 4.72 -38.75 11.25
CA ASP A 237 4.07 -40.05 11.25
C ASP A 237 4.94 -41.10 10.58
N THR A 238 5.61 -40.72 9.50
CA THR A 238 6.52 -41.60 8.78
C THR A 238 7.72 -42.05 9.62
N SER A 239 8.18 -41.16 10.49
CA SER A 239 9.33 -41.43 11.35
C SER A 239 9.03 -42.42 12.48
N LYS A 240 7.77 -42.81 12.62
CA LYS A 240 7.38 -43.83 13.59
C LYS A 240 7.52 -43.33 15.02
N VAL A 241 6.74 -42.31 15.37
CA VAL A 241 6.98 -41.52 16.57
C VAL A 241 5.62 -41.25 17.20
N ASN A 242 5.54 -41.38 18.52
CA ASN A 242 4.37 -40.94 19.26
C ASN A 242 4.49 -39.52 19.78
N TYR A 243 3.66 -38.62 19.25
CA TYR A 243 3.77 -37.20 19.54
C TYR A 243 2.43 -36.67 20.01
N GLY A 244 2.44 -35.56 20.76
CA GLY A 244 1.23 -34.84 21.10
C GLY A 244 1.24 -33.39 20.67
N VAL A 245 0.04 -32.81 20.58
CA VAL A 245 -0.10 -31.41 20.20
C VAL A 245 -0.92 -30.66 21.25
N THR A 246 -0.34 -29.60 21.80
CA THR A 246 -0.95 -28.91 22.94
C THR A 246 -0.70 -27.41 22.77
N VAL A 247 -1.29 -26.60 23.64
CA VAL A 247 -1.03 -25.17 23.67
C VAL A 247 0.45 -24.89 23.88
N LEU A 248 0.92 -23.79 23.30
CA LEU A 248 2.30 -23.36 23.48
C LEU A 248 2.51 -23.08 24.96
N PRO A 249 3.76 -23.21 25.44
CA PRO A 249 3.94 -22.87 26.86
C PRO A 249 3.66 -21.40 27.12
N THR A 250 3.28 -21.05 28.34
CA THR A 250 3.18 -19.66 28.74
C THR A 250 4.52 -19.03 29.08
N PHE A 251 4.53 -17.70 29.12
CA PHE A 251 5.71 -16.93 29.51
C PHE A 251 5.28 -15.76 30.39
N LYS A 252 5.89 -15.66 31.56
CA LYS A 252 5.55 -14.64 32.55
C LYS A 252 4.06 -14.64 32.84
N GLY A 253 3.51 -15.85 32.92
CA GLY A 253 2.08 -16.05 33.13
C GLY A 253 1.17 -15.54 32.02
N GLN A 254 1.74 -15.08 30.92
CA GLN A 254 0.94 -14.61 29.78
C GLN A 254 0.92 -15.72 28.74
N PRO A 255 -0.21 -15.91 28.04
CA PRO A 255 -0.16 -16.87 26.92
C PRO A 255 0.91 -16.50 25.89
N SER A 256 1.54 -17.50 25.28
CA SER A 256 2.25 -17.29 24.03
C SER A 256 1.27 -16.91 22.93
N LYS A 257 1.71 -16.04 22.02
CA LYS A 257 0.79 -15.41 21.08
C LYS A 257 1.26 -15.60 19.64
N PRO A 258 1.02 -16.80 19.07
CA PRO A 258 1.51 -17.04 17.71
C PRO A 258 0.81 -16.14 16.70
N PHE A 259 1.52 -15.78 15.63
CA PHE A 259 0.89 -15.16 14.46
C PHE A 259 0.21 -16.20 13.58
N VAL A 260 -1.07 -15.99 13.32
CA VAL A 260 -1.90 -16.97 12.63
C VAL A 260 -1.97 -16.62 11.14
N GLY A 261 -1.64 -17.59 10.29
CA GLY A 261 -1.69 -17.38 8.86
C GLY A 261 -2.89 -18.07 8.23
N VAL A 262 -3.46 -17.42 7.23
CA VAL A 262 -4.49 -18.02 6.40
C VAL A 262 -3.90 -18.33 5.04
N LEU A 263 -3.68 -19.61 4.75
CA LEU A 263 -3.24 -20.03 3.44
C LEU A 263 -4.25 -19.57 2.38
N SER A 264 -3.74 -18.86 1.39
CA SER A 264 -4.57 -18.15 0.41
C SER A 264 -4.06 -18.40 -1.00
N ALA A 265 -4.97 -18.29 -1.97
CA ALA A 265 -4.66 -18.50 -3.38
C ALA A 265 -4.99 -17.24 -4.17
N GLY A 266 -3.96 -16.60 -4.69
CA GLY A 266 -4.12 -15.44 -5.55
C GLY A 266 -3.99 -15.75 -7.02
N ILE A 267 -4.68 -14.93 -7.82
CA ILE A 267 -4.64 -15.03 -9.27
C ILE A 267 -3.83 -13.90 -9.90
N ASN A 268 -2.86 -14.28 -10.72
CA ASN A 268 -2.00 -13.33 -11.44
C ASN A 268 -2.80 -12.44 -12.38
N ALA A 269 -2.70 -11.14 -12.18
CA ALA A 269 -3.44 -10.17 -12.98
C ALA A 269 -3.13 -10.29 -14.48
N ALA A 270 -1.94 -10.78 -14.80
CA ALA A 270 -1.51 -10.90 -16.20
C ALA A 270 -1.81 -12.28 -16.76
N SER A 271 -2.42 -13.14 -15.96
CA SER A 271 -2.81 -14.46 -16.42
C SER A 271 -3.89 -14.40 -17.51
N PRO A 272 -3.75 -15.23 -18.56
CA PRO A 272 -4.79 -15.37 -19.58
C PRO A 272 -5.81 -16.45 -19.22
N ASN A 273 -5.73 -16.98 -18.01
CA ASN A 273 -6.59 -18.06 -17.56
C ASN A 273 -7.37 -17.68 -16.31
N LYS A 274 -7.71 -16.41 -16.18
CA LYS A 274 -8.35 -15.90 -14.98
C LYS A 274 -9.66 -16.66 -14.73
N GLU A 275 -10.44 -16.88 -15.79
CA GLU A 275 -11.71 -17.58 -15.67
C GLU A 275 -11.50 -19.04 -15.26
N LEU A 276 -10.53 -19.69 -15.89
CA LEU A 276 -10.12 -21.05 -15.54
C LEU A 276 -9.64 -21.21 -14.10
N ALA A 277 -8.83 -20.27 -13.63
CA ALA A 277 -8.32 -20.29 -12.26
C ALA A 277 -9.45 -20.26 -11.24
N LYS A 278 -10.42 -19.37 -11.47
CA LYS A 278 -11.57 -19.26 -10.59
C LYS A 278 -12.36 -20.57 -10.58
N GLU A 279 -12.52 -21.16 -11.76
CA GLU A 279 -13.22 -22.43 -11.90
C GLU A 279 -12.50 -23.55 -11.16
N PHE A 280 -11.19 -23.61 -11.33
CA PHE A 280 -10.34 -24.61 -10.65
C PHE A 280 -10.44 -24.58 -9.13
N LEU A 281 -10.27 -23.40 -8.55
CA LEU A 281 -10.23 -23.25 -7.09
C LEU A 281 -11.54 -23.54 -6.37
N GLU A 282 -12.64 -23.00 -6.87
CA GLU A 282 -13.93 -23.13 -6.20
C GLU A 282 -14.55 -24.52 -6.40
N ASN A 283 -14.37 -25.13 -7.57
CA ASN A 283 -15.16 -26.31 -7.91
C ASN A 283 -14.33 -27.59 -7.78
N TYR A 284 -13.01 -27.47 -7.76
CA TYR A 284 -12.16 -28.64 -7.67
C TYR A 284 -11.29 -28.65 -6.42
N LEU A 285 -10.50 -27.59 -6.22
CA LEU A 285 -9.59 -27.54 -5.08
C LEU A 285 -10.33 -27.30 -3.78
N LEU A 286 -11.18 -26.27 -3.76
CA LEU A 286 -11.88 -25.87 -2.54
C LEU A 286 -13.14 -26.72 -2.39
N THR A 287 -12.95 -28.03 -2.40
CA THR A 287 -14.03 -28.98 -2.19
C THR A 287 -13.61 -30.04 -1.18
N ASP A 288 -14.59 -30.74 -0.63
CA ASP A 288 -14.30 -31.82 0.31
C ASP A 288 -13.35 -32.81 -0.36
N GLU A 289 -13.68 -33.16 -1.60
CA GLU A 289 -12.94 -34.16 -2.35
C GLU A 289 -11.52 -33.65 -2.64
N GLY A 290 -11.43 -32.37 -2.99
CA GLY A 290 -10.17 -31.74 -3.35
C GLY A 290 -9.18 -31.58 -2.21
N LEU A 291 -9.66 -31.06 -1.09
CA LEU A 291 -8.84 -30.81 0.09
C LEU A 291 -8.29 -32.06 0.79
N GLU A 292 -9.06 -33.13 0.82
CA GLU A 292 -8.57 -34.40 1.39
C GLU A 292 -7.30 -34.85 0.66
N ALA A 293 -7.28 -34.74 -0.66
CA ALA A 293 -6.13 -35.17 -1.43
C ALA A 293 -4.89 -34.37 -1.02
N VAL A 294 -5.06 -33.08 -0.75
CA VAL A 294 -3.95 -32.24 -0.33
C VAL A 294 -3.61 -32.63 1.10
N ASN A 295 -4.65 -32.74 1.92
CA ASN A 295 -4.52 -33.05 3.33
C ASN A 295 -3.83 -34.39 3.54
N LYS A 296 -4.11 -35.33 2.63
CA LYS A 296 -3.51 -36.65 2.69
C LYS A 296 -2.01 -36.62 2.44
N ASP A 297 -1.53 -35.65 1.67
CA ASP A 297 -0.10 -35.50 1.48
C ASP A 297 0.55 -34.89 2.73
N LYS A 298 0.25 -33.61 2.96
CA LYS A 298 0.61 -32.94 4.21
C LYS A 298 -0.62 -32.19 4.76
N PRO A 299 -0.95 -32.39 6.05
CA PRO A 299 -2.15 -31.71 6.55
C PRO A 299 -2.12 -30.18 6.38
N LEU A 300 -3.26 -29.62 5.94
CA LEU A 300 -3.38 -28.19 5.69
C LEU A 300 -3.60 -27.40 6.99
N GLY A 301 -4.15 -28.06 7.99
CA GLY A 301 -4.68 -27.36 9.15
C GLY A 301 -6.19 -27.18 9.12
N ALA A 302 -6.67 -26.09 9.70
CA ALA A 302 -8.12 -25.83 9.80
C ALA A 302 -8.63 -25.09 8.57
N VAL A 303 -9.30 -25.83 7.68
CA VAL A 303 -9.66 -25.32 6.37
C VAL A 303 -10.77 -24.26 6.44
N ALA A 304 -10.83 -23.41 5.42
CA ALA A 304 -11.79 -22.32 5.34
C ALA A 304 -13.21 -22.83 5.02
N LEU A 305 -13.28 -23.98 4.35
CA LEU A 305 -14.54 -24.55 3.89
C LEU A 305 -15.32 -25.27 5.00
N LYS A 306 -16.48 -24.71 5.33
CA LYS A 306 -17.26 -25.14 6.48
C LYS A 306 -17.61 -26.63 6.36
N SER A 307 -17.97 -27.06 5.15
CA SER A 307 -18.47 -28.42 4.95
C SER A 307 -17.40 -29.45 5.30
N TYR A 308 -16.16 -29.12 4.96
CA TYR A 308 -15.01 -30.00 5.20
C TYR A 308 -14.50 -29.87 6.63
N GLU A 309 -14.54 -28.64 7.15
CA GLU A 309 -14.07 -28.34 8.49
C GLU A 309 -14.84 -29.11 9.57
N GLU A 310 -16.10 -29.39 9.32
CA GLU A 310 -16.93 -30.12 10.28
C GLU A 310 -16.34 -31.52 10.54
N GLU A 311 -15.72 -32.10 9.52
CA GLU A 311 -15.01 -33.38 9.63
C GLU A 311 -13.68 -33.28 10.39
N LEU A 312 -12.86 -32.29 10.04
CA LEU A 312 -11.53 -32.11 10.62
C LEU A 312 -11.63 -31.89 12.13
N ALA A 313 -12.73 -31.29 12.56
CA ALA A 313 -12.86 -30.83 13.93
C ALA A 313 -12.69 -31.99 14.91
N LYS A 314 -12.92 -33.20 14.42
CA LYS A 314 -12.74 -34.40 15.23
C LYS A 314 -11.26 -34.63 15.61
N ASP A 315 -10.31 -34.15 14.81
CA ASP A 315 -8.91 -34.40 15.16
C ASP A 315 -8.54 -33.56 16.40
N PRO A 316 -8.12 -34.21 17.50
CA PRO A 316 -7.72 -33.43 18.70
C PRO A 316 -6.56 -32.45 18.53
N ARG A 317 -5.66 -32.74 17.59
CA ARG A 317 -4.51 -31.88 17.31
C ARG A 317 -4.87 -30.52 16.71
N ILE A 318 -5.90 -30.50 15.88
CA ILE A 318 -6.35 -29.26 15.27
C ILE A 318 -7.06 -28.41 16.31
N ALA A 319 -7.73 -29.05 17.25
CA ALA A 319 -8.39 -28.32 18.32
C ALA A 319 -7.37 -27.49 19.08
N ALA A 320 -6.22 -28.10 19.38
CA ALA A 320 -5.13 -27.41 20.04
C ALA A 320 -4.57 -26.27 19.17
N THR A 321 -4.42 -26.54 17.88
CA THR A 321 -3.96 -25.52 16.95
C THR A 321 -4.83 -24.27 16.99
N GLU A 323 -6.78 -23.38 19.31
CA GLU A 323 -6.64 -22.83 20.65
C GLU A 323 -5.52 -21.80 20.67
N ASN A 324 -4.40 -22.17 20.08
CA ASN A 324 -3.26 -21.25 19.99
C ASN A 324 -3.58 -20.03 19.13
N ALA A 325 -4.33 -20.24 18.05
CA ALA A 325 -4.72 -19.12 17.19
C ALA A 325 -5.54 -18.08 17.94
N GLN A 326 -6.51 -18.52 18.73
CA GLN A 326 -7.41 -17.61 19.42
C GLN A 326 -6.69 -16.88 20.56
N LYS A 327 -5.63 -17.51 21.07
CA LYS A 327 -4.77 -16.89 22.08
C LYS A 327 -3.77 -15.93 21.44
N GLY A 328 -3.60 -16.05 20.14
CA GLY A 328 -2.70 -15.19 19.39
C GLY A 328 -3.46 -14.16 18.59
N GLU A 329 -2.90 -13.77 17.46
CA GLU A 329 -3.47 -12.73 16.62
C GLU A 329 -3.30 -13.10 15.15
N ILE A 330 -4.33 -12.80 14.37
CA ILE A 330 -4.30 -12.95 12.92
C ILE A 330 -3.30 -12.00 12.30
N PRO A 332 -1.49 -9.37 10.10
CA PRO A 332 -1.83 -8.34 9.12
C PRO A 332 -1.60 -8.79 7.69
N ASN A 333 -2.29 -8.16 6.74
CA ASN A 333 -1.97 -8.37 5.33
C ASN A 333 -1.30 -7.13 4.72
N ILE A 334 -0.96 -6.15 5.55
CA ILE A 334 -0.51 -4.87 5.01
C ILE A 334 0.83 -5.01 4.27
N PRO A 335 1.11 -4.13 3.30
CA PRO A 335 2.37 -4.24 2.56
C PRO A 335 3.64 -4.18 3.40
N GLN A 336 3.58 -3.43 4.52
CA GLN A 336 4.75 -3.22 5.36
C GLN A 336 5.15 -4.43 6.17
N SER A 338 6.20 -7.30 5.15
CA SER A 338 7.41 -7.93 4.66
C SER A 338 8.61 -7.20 5.23
N ALA A 339 8.52 -5.88 5.30
CA ALA A 339 9.58 -5.05 5.86
C ALA A 339 9.79 -5.46 7.32
N PHE A 340 8.67 -5.69 8.00
CA PHE A 340 8.66 -6.16 9.38
C PHE A 340 9.42 -7.47 9.56
N TRP A 341 9.09 -8.46 8.73
CA TRP A 341 9.70 -9.79 8.86
C TRP A 341 11.20 -9.73 8.59
N TYR A 342 11.61 -8.99 7.56
CA TYR A 342 13.02 -8.87 7.23
C TYR A 342 13.77 -8.30 8.44
N ALA A 343 13.17 -7.32 9.09
CA ALA A 343 13.79 -6.65 10.23
C ALA A 343 13.95 -7.60 11.41
N VAL A 344 12.89 -8.31 11.76
CA VAL A 344 12.94 -9.23 12.89
C VAL A 344 13.89 -10.40 12.61
N ARG A 345 13.94 -10.87 11.38
CA ARG A 345 14.84 -11.96 11.00
C ARG A 345 16.31 -11.63 11.31
N THR A 346 16.76 -10.47 10.84
CA THR A 346 18.13 -10.03 11.08
C THR A 346 18.34 -9.88 12.59
N ALA A 347 17.36 -9.31 13.26
CA ALA A 347 17.42 -9.06 14.70
C ALA A 347 17.55 -10.36 15.49
N VAL A 348 16.83 -11.39 15.06
CA VAL A 348 16.87 -12.68 15.78
C VAL A 348 18.26 -13.25 15.57
N ILE A 349 18.75 -13.25 14.34
CA ILE A 349 20.03 -13.85 14.01
C ILE A 349 21.10 -13.08 14.77
N ASN A 350 21.05 -11.75 14.70
CA ASN A 350 22.11 -10.92 15.24
C ASN A 350 22.19 -11.09 16.75
N ALA A 351 21.02 -11.21 17.37
CA ALA A 351 20.93 -11.33 18.82
C ALA A 351 21.31 -12.75 19.25
N ALA A 352 20.82 -13.72 18.48
CA ALA A 352 21.01 -15.13 18.83
C ALA A 352 22.49 -15.49 18.79
N SER A 353 23.23 -14.88 17.87
CA SER A 353 24.66 -15.15 17.72
C SER A 353 25.52 -14.30 18.66
N GLY A 354 24.91 -13.35 19.35
CA GLY A 354 25.66 -12.42 20.19
C GLY A 354 26.58 -11.49 19.41
N ARG A 355 26.19 -11.18 18.17
CA ARG A 355 26.86 -10.17 17.37
C ARG A 355 26.39 -8.75 17.69
N GLN A 356 25.25 -8.66 18.37
CA GLN A 356 24.80 -7.40 18.96
C GLN A 356 23.90 -7.67 20.17
N THR A 357 23.81 -6.68 21.04
CA THR A 357 22.87 -6.72 22.15
C THR A 357 21.43 -6.72 21.64
N VAL A 358 20.55 -7.30 22.45
CA VAL A 358 19.11 -7.32 22.21
C VAL A 358 18.51 -5.92 22.04
N ASP A 359 18.80 -5.01 22.95
CA ASP A 359 18.31 -3.64 22.82
C ASP A 359 18.60 -3.03 21.45
N ALA A 360 19.82 -3.22 20.96
CA ALA A 360 20.25 -2.67 19.70
C ALA A 360 19.56 -3.39 18.54
N ALA A 361 19.49 -4.71 18.64
CA ALA A 361 18.87 -5.52 17.59
C ALA A 361 17.43 -5.06 17.35
N LEU A 362 16.66 -4.94 18.43
CA LEU A 362 15.24 -4.61 18.33
C LEU A 362 15.06 -3.12 18.02
N ALA A 363 16.01 -2.32 18.51
CA ALA A 363 16.07 -0.90 18.16
C ALA A 363 16.27 -0.70 16.66
N ALA A 364 17.26 -1.38 16.10
CA ALA A 364 17.47 -1.34 14.66
C ALA A 364 16.25 -1.84 13.89
N GLY A 365 15.68 -2.95 14.34
CA GLY A 365 14.45 -3.46 13.75
C GLY A 365 13.34 -2.42 13.71
N SER A 366 13.22 -1.67 14.81
CA SER A 366 12.26 -0.59 14.94
C SER A 366 12.44 0.45 13.83
N ALA A 367 13.69 0.87 13.65
CA ALA A 367 14.06 1.83 12.62
C ALA A 367 13.66 1.31 11.24
N GLN A 368 13.98 0.05 10.98
CA GLN A 368 13.79 -0.55 9.67
C GLN A 368 12.31 -0.73 9.40
N THR A 369 11.53 -1.03 10.43
CA THR A 369 10.10 -1.20 10.26
C THR A 369 9.44 0.11 9.82
N ASN A 370 9.92 1.23 10.32
CA ASN A 370 9.33 2.51 9.94
C ASN A 370 9.98 3.02 8.66
N ALA A 371 11.03 2.33 8.21
CA ALA A 371 11.77 2.78 7.03
C ALA A 371 10.80 2.80 5.88
N ALA A 372 10.01 1.73 5.81
CA ALA A 372 9.00 1.54 4.78
C ALA A 372 7.71 2.26 5.16
N ALA A 373 7.46 2.36 6.46
CA ALA A 373 6.24 2.99 6.97
C ALA A 373 6.23 4.50 6.66
N THR A 374 7.33 5.18 6.95
CA THR A 374 7.41 6.62 6.73
C THR A 374 7.18 6.98 5.26
N GLY A 375 6.59 8.15 5.03
CA GLY A 375 6.26 8.60 3.69
C GLY A 375 7.40 9.27 2.95
N GLN A 376 7.91 8.58 1.94
CA GLN A 376 8.93 9.15 1.06
C GLN A 376 8.35 10.33 0.29
N THR A 377 9.19 11.32 -0.01
CA THR A 377 8.79 12.42 -0.87
C THR A 377 9.15 12.08 -2.32
N ALA A 378 8.61 12.86 -3.25
CA ALA A 378 8.72 12.54 -4.67
C ALA A 378 10.08 12.89 -5.26
N ASP A 379 10.52 12.08 -6.21
CA ASP A 379 11.68 12.41 -7.04
C ASP A 379 11.17 12.87 -8.40
N TRP A 380 10.80 14.14 -8.47
CA TRP A 380 10.11 14.69 -9.64
C TRP A 380 10.83 14.38 -10.94
N LEU A 381 12.15 14.39 -10.91
CA LEU A 381 12.95 14.10 -12.10
C LEU A 381 12.52 12.75 -12.69
N SER A 382 12.16 11.82 -11.82
CA SER A 382 11.72 10.50 -12.25
C SER A 382 10.25 10.52 -12.69
N ILE A 383 9.50 11.50 -12.17
CA ILE A 383 8.09 11.64 -12.51
C ILE A 383 7.96 12.36 -13.85
N ILE A 384 8.65 13.49 -13.98
CA ILE A 384 8.61 14.28 -15.21
C ILE A 384 8.99 13.39 -16.39
N VAL A 385 10.13 12.72 -16.29
CA VAL A 385 10.63 11.89 -17.37
C VAL A 385 9.61 10.83 -17.76
N TYR A 386 8.83 10.37 -16.79
CA TYR A 386 7.82 9.35 -17.02
C TYR A 386 6.60 9.94 -17.73
N LEU A 387 6.30 11.19 -17.42
CA LEU A 387 5.17 11.89 -18.04
C LEU A 387 5.54 12.41 -19.43
N THR A 388 6.75 12.97 -19.54
CA THR A 388 7.22 13.52 -20.81
C THR A 388 7.25 12.46 -21.89
N SER A 389 7.48 11.21 -21.50
CA SER A 389 7.52 10.10 -22.44
C SER A 389 6.21 9.99 -23.21
N PHE A 390 5.09 10.12 -22.49
CA PHE A 390 3.78 10.04 -23.10
C PHE A 390 3.50 11.24 -23.98
N VAL A 391 2.70 11.05 -25.01
CA VAL A 391 2.31 12.15 -25.89
C VAL A 391 1.56 13.21 -25.08
N VAL A 392 1.55 14.45 -25.59
CA VAL A 392 1.01 15.56 -24.83
C VAL A 392 -0.52 15.52 -24.68
N PRO A 393 -1.26 15.07 -25.73
CA PRO A 393 -2.71 15.17 -25.53
C PRO A 393 -3.24 14.15 -24.52
N ILE A 394 -2.65 12.96 -24.49
CA ILE A 394 -3.09 11.90 -23.59
C ILE A 394 -3.05 12.41 -22.15
N LEU A 395 -2.01 13.13 -21.80
CA LEU A 395 -1.84 13.66 -20.45
C LEU A 395 -2.93 14.67 -20.12
N LEU A 396 -3.11 15.65 -20.99
CA LEU A 396 -4.11 16.70 -20.78
C LEU A 396 -5.50 16.11 -20.58
N LYS A 397 -5.83 15.08 -21.36
CA LYS A 397 -7.13 14.42 -21.24
C LYS A 397 -7.30 13.79 -19.87
N ALA A 398 -6.20 13.27 -19.32
CA ALA A 398 -6.25 12.61 -18.02
C ALA A 398 -6.65 13.57 -16.92
N LEU A 399 -6.21 14.82 -17.02
CA LEU A 399 -6.54 15.83 -16.02
C LEU A 399 -8.03 16.08 -15.95
N TYR A 400 -8.69 16.07 -17.10
CA TYR A 400 -10.13 16.28 -17.14
C TYR A 400 -10.86 15.08 -16.57
N LEU A 402 -9.62 13.22 -13.89
CA LEU A 402 -9.46 13.32 -12.43
C LEU A 402 -10.58 14.16 -11.81
N THR A 403 -11.17 15.04 -12.62
CA THR A 403 -12.16 15.98 -12.12
C THR A 403 -13.58 15.63 -12.53
N THR A 404 -13.79 14.40 -13.01
CA THR A 404 -15.13 13.96 -13.39
C THR A 404 -15.73 13.00 -12.36
N ARG A 405 -15.13 12.96 -11.18
CA ARG A 405 -15.63 12.11 -10.11
C ARG A 405 -15.52 10.64 -10.50
N GLY A 406 -14.35 10.23 -10.96
CA GLY A 406 -14.09 8.84 -11.27
C GLY A 406 -14.57 7.91 -10.16
N ARG A 407 -14.19 8.25 -8.93
CA ARG A 407 -14.69 7.63 -7.71
C ARG A 407 -13.73 7.92 -6.56
N THR A 416 -6.44 -1.07 -7.73
CA THR A 416 -6.12 0.18 -7.05
C THR A 416 -5.68 1.24 -8.05
N ARG A 417 -4.78 0.87 -8.94
CA ARG A 417 -4.30 1.78 -9.98
C ARG A 417 -5.38 2.06 -11.01
N ILE A 418 -5.63 3.33 -11.29
CA ILE A 418 -6.56 3.70 -12.35
C ILE A 418 -5.77 3.75 -13.66
N ARG A 419 -6.28 3.07 -14.68
CA ARG A 419 -5.58 2.95 -15.95
C ARG A 419 -6.08 3.96 -16.97
N PHE A 420 -5.14 4.53 -17.72
CA PHE A 420 -5.46 5.47 -18.79
C PHE A 420 -4.92 4.95 -20.13
N LYS A 421 -5.74 5.03 -21.17
CA LYS A 421 -5.33 4.58 -22.50
C LYS A 421 -6.02 5.40 -23.57
N ARG A 433 1.49 1.22 -34.64
CA ARG A 433 0.55 0.16 -34.25
C ARG A 433 0.95 -0.46 -32.92
N LYS A 434 1.30 0.38 -31.97
CA LYS A 434 1.72 -0.08 -30.64
C LYS A 434 0.80 0.48 -29.56
N PRO A 435 0.34 -0.37 -28.63
CA PRO A 435 -0.50 0.13 -27.54
C PRO A 435 0.31 0.49 -26.29
N LYS A 436 -0.25 1.34 -25.44
CA LYS A 436 0.44 1.74 -24.21
C LYS A 436 -0.57 1.98 -23.09
N HIS A 437 -0.08 2.00 -21.85
CA HIS A 437 -0.94 2.16 -20.69
C HIS A 437 -0.35 3.16 -19.71
N LEU A 438 -1.10 4.22 -19.41
CA LEU A 438 -0.69 5.21 -18.41
C LEU A 438 -1.35 4.87 -17.08
N TYR A 439 -0.56 4.93 -16.00
CA TYR A 439 -1.05 4.53 -14.69
C TYR A 439 -0.91 5.63 -13.65
N VAL A 440 -2.05 6.06 -13.10
CA VAL A 440 -2.07 6.97 -11.96
C VAL A 440 -2.42 6.14 -10.74
N SER A 441 -1.56 6.22 -9.72
CA SER A 441 -1.74 5.38 -8.53
C SER A 441 -2.41 6.14 -7.39
N LEU A 442 -3.60 5.68 -7.00
CA LEU A 442 -4.31 6.25 -5.87
C LEU A 442 -3.69 5.76 -4.56
N PRO A 443 -3.58 6.65 -3.55
CA PRO A 443 -2.96 6.25 -2.28
C PRO A 443 -3.95 5.68 -1.27
N ASN A 444 -3.74 4.44 -0.86
CA ASN A 444 -4.54 3.86 0.22
C ASN A 444 -4.01 4.37 1.56
N ALA A 445 -4.87 4.31 2.58
CA ALA A 445 -4.50 4.83 3.89
C ALA A 445 -3.43 3.97 4.55
N ASN A 446 -3.28 2.73 4.09
CA ASN A 446 -2.33 1.80 4.68
C ASN A 446 -0.97 1.88 3.99
N SER A 447 -0.98 2.00 2.67
CA SER A 447 0.24 2.02 1.89
C SER A 447 1.12 3.22 2.24
N SER A 448 2.43 3.05 2.10
CA SER A 448 3.37 4.13 2.36
C SER A 448 3.82 4.78 1.07
N LYS A 450 5.68 6.16 -1.96
CA LYS A 450 6.94 5.81 -2.60
C LYS A 450 7.60 7.09 -3.11
N ALA A 451 8.88 7.00 -3.46
CA ALA A 451 9.61 8.14 -3.97
C ALA A 451 9.23 8.43 -5.42
N GLU A 452 8.58 7.46 -6.07
CA GLU A 452 8.19 7.60 -7.47
C GLU A 452 6.69 7.36 -7.66
N GLU A 453 5.96 7.26 -6.57
CA GLU A 453 4.50 7.04 -6.64
C GLU A 453 3.80 8.32 -7.08
N ILE A 454 3.21 8.27 -8.27
CA ILE A 454 2.50 9.42 -8.81
C ILE A 454 1.05 9.40 -8.32
N THR A 455 0.76 10.28 -7.35
CA THR A 455 -0.59 10.42 -6.83
C THR A 455 -1.39 11.31 -7.77
N PRO A 456 -2.74 11.25 -7.70
CA PRO A 456 -3.53 12.15 -8.54
C PRO A 456 -3.16 13.61 -8.33
N GLY A 457 -2.88 13.98 -7.10
CA GLY A 457 -2.46 15.34 -6.78
C GLY A 457 -1.12 15.69 -7.40
N ARG A 458 -0.14 14.80 -7.20
CA ARG A 458 1.17 14.99 -7.79
C ARG A 458 1.10 15.00 -9.31
N TYR A 459 0.09 14.33 -9.85
CA TYR A 459 -0.10 14.27 -11.29
C TYR A 459 -0.53 15.63 -11.83
N ARG A 460 -1.49 16.27 -11.17
CA ARG A 460 -1.91 17.60 -11.55
C ARG A 460 -0.73 18.56 -11.45
N THR A 461 0.13 18.32 -10.46
CA THR A 461 1.30 19.16 -10.24
C THR A 461 2.26 19.10 -11.43
N ALA A 462 2.76 17.91 -11.73
CA ALA A 462 3.78 17.73 -12.75
C ALA A 462 3.31 18.25 -14.11
N VAL A 463 2.15 17.79 -14.57
CA VAL A 463 1.65 18.13 -15.89
C VAL A 463 1.50 19.64 -16.03
N CYS A 464 0.87 20.28 -15.04
CA CYS A 464 0.64 21.71 -15.07
C CYS A 464 1.95 22.48 -15.26
N GLY A 465 2.95 22.15 -14.45
CA GLY A 465 4.25 22.80 -14.53
C GLY A 465 4.94 22.57 -15.85
N LEU A 466 4.55 21.51 -16.54
CA LEU A 466 5.17 21.14 -17.82
C LEU A 466 4.44 21.77 -19.01
N TYR A 467 3.12 21.72 -18.97
CA TYR A 467 2.30 22.21 -20.08
C TYR A 467 1.34 23.29 -19.65
N PRO A 468 1.85 24.52 -19.47
CA PRO A 468 1.00 25.66 -19.08
C PRO A 468 0.32 26.32 -20.29
N ALA A 469 1.08 26.52 -21.36
CA ALA A 469 0.56 27.18 -22.56
C ALA A 469 -0.45 26.29 -23.29
N GLN A 470 -0.25 24.98 -23.20
CA GLN A 470 -1.15 24.04 -23.84
C GLN A 470 -2.45 23.93 -23.07
N ILE A 471 -2.40 24.23 -21.78
CA ILE A 471 -3.59 24.28 -20.94
C ILE A 471 -4.38 25.54 -21.29
N LYS A 472 -3.66 26.59 -21.65
CA LYS A 472 -4.28 27.87 -22.02
C LYS A 472 -5.16 27.69 -23.25
N ALA A 473 -4.66 26.94 -24.23
CA ALA A 473 -5.39 26.71 -25.47
C ALA A 473 -6.72 26.01 -25.18
N ARG A 474 -6.69 24.99 -24.34
CA ARG A 474 -7.92 24.28 -24.02
C ARG A 474 -8.75 25.04 -22.98
N GLN A 475 -8.14 26.04 -22.35
CA GLN A 475 -8.81 26.82 -21.31
C GLN A 475 -9.33 25.89 -20.22
N ILE A 477 -10.03 25.09 -16.82
CA ILE A 477 -10.24 25.57 -15.46
C ILE A 477 -11.09 24.55 -14.72
N SER A 478 -10.56 24.03 -13.62
CA SER A 478 -11.23 22.99 -12.84
C SER A 478 -12.39 23.57 -12.04
N PRO A 479 -13.26 22.69 -11.51
CA PRO A 479 -14.36 23.15 -10.65
C PRO A 479 -13.89 23.69 -9.30
N VAL A 480 -12.59 23.64 -9.05
CA VAL A 480 -12.03 24.18 -7.82
C VAL A 480 -11.53 25.60 -8.06
N SER A 482 -12.54 27.37 -11.07
CA SER A 482 -13.59 28.06 -11.79
C SER A 482 -14.47 28.87 -10.85
N VAL A 483 -14.62 28.41 -9.62
CA VAL A 483 -15.55 29.00 -8.69
C VAL A 483 -14.93 30.22 -8.02
N ILE A 484 -13.60 30.27 -7.95
CA ILE A 484 -12.93 31.40 -7.33
C ILE A 484 -12.65 32.50 -8.35
N GLY A 485 -13.37 32.48 -9.47
CA GLY A 485 -13.22 33.49 -10.50
C GLY A 485 -11.81 33.52 -11.08
N PHE A 486 -11.42 32.45 -11.75
CA PHE A 486 -10.09 32.34 -12.32
C PHE A 486 -10.04 32.89 -13.74
N LEU A 487 -11.19 32.95 -14.39
CA LEU A 487 -11.27 33.40 -15.78
C LEU A 487 -11.09 34.91 -15.87
N ALA A 488 -11.73 35.64 -14.97
CA ALA A 488 -11.67 37.10 -14.97
C ALA A 488 -10.25 37.60 -14.80
N LEU A 489 -9.43 36.82 -14.09
CA LEU A 489 -8.03 37.18 -13.85
C LEU A 489 -7.15 36.72 -15.01
N ALA A 490 -7.62 35.73 -15.76
CA ALA A 490 -6.81 35.11 -16.81
C ALA A 490 -6.80 35.94 -18.09
N LYS A 491 -7.97 36.34 -18.55
CA LYS A 491 -8.11 37.04 -19.82
C LYS A 491 -7.37 38.38 -19.79
N ASP A 492 -7.60 39.16 -18.74
CA ASP A 492 -6.97 40.47 -18.60
C ASP A 492 -5.61 40.35 -17.89
N TRP A 493 -5.10 39.13 -17.80
CA TRP A 493 -3.86 38.86 -17.09
C TRP A 493 -2.71 39.73 -17.60
N SER A 494 -2.44 39.65 -18.90
CA SER A 494 -1.32 40.37 -19.50
C SER A 494 -1.32 41.85 -19.15
N ASP A 495 -2.49 42.48 -19.22
CA ASP A 495 -2.62 43.90 -18.91
C ASP A 495 -2.71 44.11 -17.40
N ARG A 496 -3.32 43.14 -16.71
CA ARG A 496 -3.46 43.22 -15.27
C ARG A 496 -2.11 43.15 -14.56
N ILE A 497 -1.25 42.25 -15.04
CA ILE A 497 0.02 41.99 -14.36
C ILE A 497 0.97 43.17 -14.44
N GLU A 498 0.93 43.91 -15.55
CA GLU A 498 1.86 45.01 -15.72
C GLU A 498 1.48 46.18 -14.81
N GLN A 499 0.17 46.42 -14.67
CA GLN A 499 -0.31 47.37 -13.68
C GLN A 499 0.28 46.99 -12.32
N TRP A 500 0.21 45.70 -12.02
CA TRP A 500 0.75 45.15 -10.78
C TRP A 500 2.25 45.43 -10.68
N LEU A 501 2.96 45.34 -11.80
CA LEU A 501 4.40 45.53 -11.80
C LEU A 501 4.78 47.01 -11.78
N ILE A 502 4.03 47.83 -12.52
CA ILE A 502 4.32 49.26 -12.58
C ILE A 502 3.96 49.93 -11.26
N GLU A 503 2.97 49.39 -10.56
CA GLU A 503 2.54 49.94 -9.27
C GLU A 503 3.73 50.18 -8.35
N PRO A 504 3.62 51.18 -7.46
CA PRO A 504 4.71 51.45 -6.52
C PRO A 504 4.65 50.58 -5.26
N CYS A 505 5.73 49.88 -4.96
CA CYS A 505 5.82 49.10 -3.74
C CYS A 505 6.34 49.99 -2.62
N LYS A 506 5.45 50.84 -2.12
CA LYS A 506 5.81 51.87 -1.14
C LYS A 506 6.52 51.29 0.08
N LEU A 507 5.85 50.37 0.75
CA LEU A 507 6.35 49.82 2.00
C LEU A 507 7.83 49.44 1.91
N LEU A 508 8.17 48.62 0.92
CA LEU A 508 9.54 48.18 0.72
C LEU A 508 9.78 47.84 -0.75
N PRO A 509 11.06 47.82 -1.19
CA PRO A 509 12.24 48.12 -0.38
C PRO A 509 12.40 49.63 -0.21
N ASP A 510 13.45 50.07 0.47
CA ASP A 510 13.76 51.49 0.51
C ASP A 510 13.80 51.96 -0.95
N THR A 511 13.08 53.04 -1.23
CA THR A 511 12.61 53.32 -2.58
C THR A 511 13.69 53.62 -3.62
N ALA A 512 14.90 53.95 -3.18
CA ALA A 512 15.97 54.27 -4.12
C ALA A 512 16.52 53.01 -4.77
N ALA A 513 15.70 52.36 -5.60
CA ALA A 513 16.10 51.13 -6.25
C ALA A 513 15.18 50.82 -7.43
N VAL A 514 15.49 51.41 -8.59
CA VAL A 514 14.66 51.25 -9.78
C VAL A 514 15.53 51.21 -11.02
N SER A 515 15.03 50.59 -12.08
CA SER A 515 15.71 50.58 -13.37
C SER A 515 14.69 50.61 -14.50
N LEU A 517 12.28 53.64 -15.77
CA LEU A 517 13.08 54.43 -14.84
C LEU A 517 12.22 55.45 -14.11
N GLY A 518 11.40 54.95 -13.19
CA GLY A 518 10.53 55.81 -12.41
C GLY A 518 11.18 56.32 -11.14
N GLY A 519 10.79 57.52 -10.73
CA GLY A 519 11.22 58.07 -9.46
C GLY A 519 10.85 57.22 -8.26
N PRO A 520 9.68 56.56 -8.30
CA PRO A 520 9.30 55.72 -7.16
C PRO A 520 9.67 54.26 -7.35
N ALA A 521 9.74 53.51 -6.26
CA ALA A 521 9.98 52.07 -6.33
C ALA A 521 8.82 51.39 -7.06
N THR A 522 9.05 50.17 -7.53
CA THR A 522 8.00 49.39 -8.17
C THR A 522 8.00 47.97 -7.61
N ASN A 523 6.88 47.27 -7.80
CA ASN A 523 6.76 45.90 -7.32
C ASN A 523 7.69 44.98 -8.12
N ARG A 524 7.95 45.36 -9.36
CA ARG A 524 8.90 44.63 -10.21
C ARG A 524 10.25 44.52 -9.51
N ASP A 525 10.63 45.58 -8.80
CA ASP A 525 11.90 45.59 -8.09
C ASP A 525 11.93 44.53 -7.00
N TYR A 526 10.76 44.23 -6.44
CA TYR A 526 10.65 43.25 -5.37
C TYR A 526 10.87 41.85 -5.90
N LEU A 527 10.14 41.50 -6.96
CA LEU A 527 10.28 40.20 -7.60
C LEU A 527 11.72 40.00 -8.05
N ARG A 528 12.37 41.09 -8.44
CA ARG A 528 13.78 41.06 -8.78
C ARG A 528 14.60 40.63 -7.58
N GLN A 529 14.54 41.43 -6.52
CA GLN A 529 15.23 41.12 -5.27
C GLN A 529 14.93 39.69 -4.85
N ARG A 530 13.70 39.25 -5.09
CA ARG A 530 13.28 37.89 -4.75
C ARG A 530 13.99 36.86 -5.61
N GLN A 531 14.05 37.12 -6.91
CA GLN A 531 14.64 36.18 -7.85
C GLN A 531 16.10 35.90 -7.51
N VAL A 532 16.81 36.93 -7.07
CA VAL A 532 18.21 36.78 -6.69
C VAL A 532 18.31 35.74 -5.58
N ALA A 533 17.44 35.88 -4.57
CA ALA A 533 17.40 34.93 -3.48
C ALA A 533 17.14 33.53 -4.02
N LEU A 534 16.07 33.39 -4.79
CA LEU A 534 15.70 32.10 -5.38
C LEU A 534 16.83 31.54 -6.22
N GLY A 535 17.52 32.42 -6.95
CA GLY A 535 18.66 32.02 -7.76
C GLY A 535 19.75 31.40 -6.92
N ASN A 536 19.85 31.83 -5.67
CA ASN A 536 20.83 31.29 -4.74
C ASN A 536 20.32 29.96 -4.15
N GLU A 538 18.22 28.05 -5.64
CA GLU A 538 17.92 27.14 -6.73
C GLU A 538 18.76 25.87 -6.64
N THR A 539 18.12 24.77 -6.26
CA THR A 539 18.80 23.50 -6.07
C THR A 539 19.16 22.86 -7.41
N LYS A 540 20.27 22.15 -7.43
CA LYS A 540 20.69 21.41 -8.62
C LYS A 540 19.57 20.46 -9.05
N GLU A 541 18.85 19.94 -8.07
CA GLU A 541 17.71 19.06 -8.33
C GLU A 541 16.71 19.77 -9.21
N SER A 542 16.38 21.01 -8.87
CA SER A 542 15.40 21.77 -9.63
C SER A 542 15.93 22.12 -11.02
N LYS A 543 17.17 22.60 -11.09
CA LYS A 543 17.77 22.92 -12.38
C LYS A 543 17.69 21.73 -13.31
N ALA A 544 18.09 20.57 -12.79
CA ALA A 544 18.07 19.33 -13.56
C ALA A 544 16.68 19.09 -14.15
N ILE A 545 15.66 19.39 -13.37
CA ILE A 545 14.28 19.22 -13.82
C ILE A 545 13.97 20.20 -14.95
N ARG A 546 14.39 21.44 -14.78
CA ARG A 546 14.02 22.52 -15.70
C ARG A 546 14.57 22.30 -17.11
N GLN A 547 15.80 21.79 -17.21
CA GLN A 547 16.42 21.60 -18.53
C GLN A 547 15.89 20.36 -19.24
N HIS A 548 15.68 19.28 -18.50
CA HIS A 548 15.18 18.06 -19.12
C HIS A 548 13.82 18.31 -19.76
N ALA A 549 13.03 19.17 -19.12
CA ALA A 549 11.69 19.49 -19.61
C ALA A 549 11.76 20.14 -21.00
N GLU A 550 12.68 21.08 -21.15
CA GLU A 550 12.80 21.85 -22.39
C GLU A 550 13.08 20.94 -23.58
N ALA A 551 14.04 20.04 -23.43
CA ALA A 551 14.45 19.16 -24.53
C ALA A 551 13.31 18.23 -24.96
N ALA A 552 12.40 17.94 -24.04
CA ALA A 552 11.28 17.05 -24.33
C ALA A 552 10.14 17.80 -25.02
N GLY A 553 10.39 19.05 -25.38
CA GLY A 553 9.38 19.87 -26.03
C GLY A 553 8.48 20.60 -25.05
N CYS A 554 8.86 20.58 -23.78
CA CYS A 554 8.08 21.22 -22.73
C CYS A 554 8.59 22.63 -22.44
N SER A 555 8.41 23.52 -23.41
CA SER A 555 8.82 24.91 -23.23
C SER A 555 8.17 25.47 -21.96
N ILE A 557 8.19 28.52 -18.38
CA ILE A 557 8.04 29.92 -17.98
C ILE A 557 9.40 30.45 -17.48
N GLU A 558 9.55 31.77 -17.50
CA GLU A 558 10.76 32.41 -17.00
C GLU A 558 10.45 33.68 -16.20
N ASP A 559 9.20 34.11 -16.24
CA ASP A 559 8.80 35.32 -15.53
C ASP A 559 7.30 35.31 -15.22
N ILE A 560 6.89 36.13 -14.26
CA ILE A 560 5.49 36.22 -13.87
C ILE A 560 4.68 36.88 -14.97
N GLU A 561 5.34 37.71 -15.78
CA GLU A 561 4.67 38.40 -16.88
C GLU A 561 4.76 37.58 -18.16
N SER A 562 4.40 36.31 -18.08
CA SER A 562 4.40 35.44 -19.25
C SER A 562 2.96 35.11 -19.64
N PRO A 563 2.70 34.88 -20.94
CA PRO A 563 1.33 34.59 -21.39
C PRO A 563 0.71 33.40 -20.65
N SER A 564 1.53 32.50 -20.12
CA SER A 564 1.04 31.31 -19.43
C SER A 564 1.65 31.19 -18.05
N SER A 565 1.91 32.32 -17.40
CA SER A 565 2.47 32.33 -16.06
C SER A 565 1.40 31.94 -15.03
N ILE A 566 0.16 32.33 -15.30
CA ILE A 566 -0.95 32.07 -14.40
C ILE A 566 -1.63 30.75 -14.73
N TRP A 567 -1.48 30.30 -15.97
CA TRP A 567 -2.09 29.06 -16.42
C TRP A 567 -1.39 27.84 -15.84
N VAL A 568 -0.40 28.07 -14.99
CA VAL A 568 0.30 27.01 -14.29
C VAL A 568 -0.55 26.52 -13.12
N PHE A 569 -1.51 27.35 -12.70
CA PHE A 569 -2.34 27.03 -11.53
C PHE A 569 -3.78 26.70 -11.91
N ALA A 570 -4.08 26.74 -13.21
CA ALA A 570 -5.42 26.47 -13.69
C ALA A 570 -5.85 25.05 -13.32
N GLY A 571 -4.92 24.11 -13.33
CA GLY A 571 -5.21 22.73 -13.04
C GLY A 571 -5.33 22.42 -11.56
N ALA A 572 -5.16 23.43 -10.73
CA ALA A 572 -5.30 23.28 -9.28
C ALA A 572 -4.34 22.23 -8.73
N PRO A 573 -3.03 22.46 -8.86
CA PRO A 573 -2.06 21.56 -8.25
C PRO A 573 -2.00 21.74 -6.74
N ASP A 574 -1.67 20.67 -6.01
CA ASP A 574 -1.57 20.74 -4.56
C ASP A 574 -0.33 21.53 -4.17
N ARG A 575 0.71 21.41 -4.98
CA ARG A 575 1.99 22.09 -4.74
C ARG A 575 2.24 23.13 -5.82
N CYS A 576 3.12 24.08 -5.53
CA CYS A 576 3.70 24.90 -6.59
C CYS A 576 4.52 23.94 -7.43
N PRO A 577 4.27 23.89 -8.75
CA PRO A 577 4.96 22.87 -9.53
C PRO A 577 6.48 22.98 -9.42
N PRO A 578 7.20 21.88 -9.68
CA PRO A 578 8.65 21.88 -9.46
C PRO A 578 9.41 22.58 -10.59
N THR A 579 8.70 22.91 -11.67
CA THR A 579 9.33 23.52 -12.83
C THR A 579 9.18 25.05 -12.82
N CYS A 580 8.71 25.62 -11.72
CA CYS A 580 8.45 27.06 -11.68
C CYS A 580 8.73 27.65 -10.30
N LEU A 581 9.24 26.83 -9.39
CA LEU A 581 9.33 27.22 -7.98
C LEU A 581 10.28 28.40 -7.74
N PHE A 582 11.36 28.48 -8.52
CA PHE A 582 12.37 29.51 -8.31
C PHE A 582 12.23 30.69 -9.28
N ILE A 583 11.11 30.74 -10.00
CA ILE A 583 10.82 31.89 -10.85
C ILE A 583 9.88 32.82 -10.08
N ALA A 584 10.44 33.90 -9.54
CA ALA A 584 9.65 34.84 -8.76
C ALA A 584 8.65 35.55 -9.68
N GLY A 585 7.46 35.90 -9.18
CA GLY A 585 7.00 35.65 -7.83
C GLY A 585 5.91 34.60 -7.80
N ILE A 586 6.10 33.51 -8.52
CA ILE A 586 5.09 32.48 -8.67
C ILE A 586 4.88 31.72 -7.36
N ALA A 587 5.98 31.45 -6.67
CA ALA A 587 5.93 30.66 -5.44
C ALA A 587 4.95 31.24 -4.43
N GLU A 588 4.87 32.57 -4.40
CA GLU A 588 3.94 33.24 -3.49
C GLU A 588 2.58 33.43 -4.14
N LEU A 589 2.56 33.48 -5.46
CA LEU A 589 1.31 33.58 -6.20
C LEU A 589 0.36 32.49 -5.72
N GLY A 590 0.87 31.25 -5.68
CA GLY A 590 0.07 30.10 -5.32
C GLY A 590 -0.89 30.31 -4.15
N ALA A 591 -0.37 30.81 -3.05
CA ALA A 591 -1.19 31.02 -1.85
C ALA A 591 -2.37 31.95 -2.14
N PHE A 592 -2.17 32.90 -3.06
CA PHE A 592 -3.22 33.83 -3.43
C PHE A 592 -4.51 33.09 -3.74
N PHE A 593 -4.46 32.18 -4.71
CA PHE A 593 -5.63 31.39 -5.08
C PHE A 593 -6.04 30.43 -3.96
N SER A 594 -5.04 29.83 -3.31
CA SER A 594 -5.29 28.85 -2.26
C SER A 594 -6.10 29.48 -1.13
N ILE A 595 -5.78 30.72 -0.77
CA ILE A 595 -6.51 31.43 0.27
C ILE A 595 -7.94 31.64 -0.18
N LEU A 596 -8.11 32.17 -1.40
CA LEU A 596 -9.43 32.42 -1.96
C LEU A 596 -10.37 31.22 -1.76
N GLN A 597 -9.80 30.02 -1.79
CA GLN A 597 -10.57 28.81 -1.58
C GLN A 597 -11.06 28.72 -0.12
N ASP A 598 -10.18 29.11 0.81
CA ASP A 598 -10.56 29.17 2.22
C ASP A 598 -11.57 30.28 2.45
N ARG A 600 -13.96 31.51 0.29
CA ARG A 600 -15.30 31.14 -0.16
C ARG A 600 -15.96 30.18 0.82
N ASN A 601 -15.23 29.13 1.19
CA ASN A 601 -15.76 28.11 2.08
C ASN A 601 -16.25 28.69 3.40
N THR A 602 -15.63 29.78 3.82
CA THR A 602 -16.02 30.45 5.07
C THR A 602 -17.12 31.48 4.83
N ILE A 603 -17.28 31.91 3.57
CA ILE A 603 -18.34 32.82 3.21
C ILE A 603 -19.66 32.07 3.17
N ALA A 605 -20.42 29.04 4.62
CA ALA A 605 -20.76 28.60 5.96
C ALA A 605 -21.43 29.74 6.73
N SER A 606 -21.02 30.97 6.43
CA SER A 606 -21.59 32.14 7.06
C SER A 606 -22.99 32.42 6.52
N LYS A 607 -23.17 32.21 5.22
CA LYS A 607 -24.46 32.44 4.58
C LYS A 607 -25.55 31.59 5.23
N THR A 608 -25.23 30.33 5.48
CA THR A 608 -26.18 29.42 6.11
C THR A 608 -26.54 29.89 7.52
N VAL A 609 -27.73 29.55 7.98
CA VAL A 609 -28.19 29.95 9.29
C VAL A 609 -27.64 29.03 10.38
N GLY A 610 -26.87 28.02 9.97
CA GLY A 610 -26.29 27.07 10.91
C GLY A 610 -27.36 26.42 11.77
N SER A 621 -7.98 26.13 5.21
CA SER A 621 -7.30 24.85 5.27
C SER A 621 -6.50 24.59 3.99
N PHE A 622 -7.04 25.03 2.86
CA PHE A 622 -6.38 24.86 1.58
C PHE A 622 -5.03 25.58 1.57
N TYR A 623 -5.03 26.82 2.05
CA TYR A 623 -3.80 27.61 2.14
C TYR A 623 -2.77 26.92 3.02
N GLN A 624 -3.20 26.52 4.22
CA GLN A 624 -2.31 25.86 5.17
C GLN A 624 -1.68 24.62 4.55
N SER A 625 -2.49 23.82 3.87
CA SER A 625 -1.98 22.63 3.20
C SER A 625 -0.96 23.03 2.15
N TYR A 626 -1.37 23.90 1.24
CA TYR A 626 -0.50 24.38 0.18
C TYR A 626 0.82 24.92 0.75
N LEU A 627 0.72 25.66 1.85
CA LEU A 627 1.90 26.21 2.49
C LEU A 627 2.85 25.10 2.94
N ARG A 628 2.30 24.09 3.61
CA ARG A 628 3.10 22.98 4.12
C ARG A 628 3.85 22.27 3.01
N ARG A 629 3.19 22.10 1.88
CA ARG A 629 3.73 21.30 0.78
C ARG A 629 4.92 22.00 0.11
N THR A 630 4.82 23.30 -0.09
CA THR A 630 5.90 24.05 -0.71
C THR A 630 7.17 23.96 0.13
N GLN A 631 7.02 24.10 1.43
CA GLN A 631 8.15 23.99 2.35
C GLN A 631 8.81 22.62 2.23
N SER A 632 8.03 21.63 1.82
CA SER A 632 8.57 20.29 1.58
C SER A 632 9.56 20.32 0.42
N GLY A 634 11.52 23.07 0.03
CA GLY A 634 12.63 23.88 0.51
C GLY A 634 12.55 25.35 0.17
N ILE A 635 11.42 25.99 0.52
CA ILE A 635 11.22 27.40 0.23
C ILE A 635 10.57 28.12 1.41
N GLN A 636 10.94 29.38 1.60
CA GLN A 636 10.28 30.24 2.56
C GLN A 636 9.46 31.30 1.82
N LEU A 637 8.15 31.14 1.83
CA LEU A 637 7.27 32.04 1.08
C LEU A 637 7.28 33.45 1.66
N ASP A 638 7.79 34.40 0.88
CA ASP A 638 7.70 35.81 1.20
C ASP A 638 6.25 36.25 1.23
N GLN A 639 5.56 35.92 2.33
CA GLN A 639 4.12 36.16 2.43
C GLN A 639 3.72 37.62 2.20
N ARG A 640 4.70 38.52 2.19
CA ARG A 640 4.44 39.91 1.85
C ARG A 640 3.93 40.02 0.41
N ILE A 641 4.56 39.28 -0.49
CA ILE A 641 4.16 39.29 -1.90
C ILE A 641 2.70 38.88 -2.02
N ILE A 642 2.26 37.98 -1.14
CA ILE A 642 0.87 37.53 -1.13
C ILE A 642 -0.04 38.71 -0.80
N VAL A 643 0.37 39.49 0.20
CA VAL A 643 -0.41 40.66 0.61
C VAL A 643 -0.60 41.58 -0.58
N LEU A 644 0.49 41.85 -1.29
CA LEU A 644 0.45 42.74 -2.44
C LEU A 644 -0.53 42.21 -3.49
N PHE A 645 -0.46 40.92 -3.77
CA PHE A 645 -1.36 40.30 -4.74
C PHE A 645 -2.82 40.50 -4.35
N VAL A 647 -4.23 43.06 -2.25
CA VAL A 647 -4.63 44.46 -2.31
C VAL A 647 -4.96 44.87 -3.73
N ALA A 648 -4.30 44.25 -4.70
CA ALA A 648 -4.49 44.59 -6.10
C ALA A 648 -5.70 43.87 -6.70
N TRP A 649 -5.82 42.58 -6.40
CA TRP A 649 -6.83 41.72 -7.04
C TRP A 649 -7.81 41.11 -6.04
N GLY A 650 -7.86 41.68 -4.84
CA GLY A 650 -8.75 41.20 -3.80
C GLY A 650 -10.21 41.22 -4.20
N LYS A 651 -10.84 42.40 -4.17
CA LYS A 651 -12.27 42.48 -4.45
C LYS A 651 -12.59 41.91 -5.83
N GLU A 652 -11.76 42.22 -6.83
CA GLU A 652 -11.98 41.71 -8.19
C GLU A 652 -12.20 40.20 -8.16
N ALA A 653 -11.31 39.49 -7.47
CA ALA A 653 -11.42 38.05 -7.37
C ALA A 653 -12.57 37.65 -6.45
N VAL A 654 -12.84 38.45 -5.44
CA VAL A 654 -13.89 38.16 -4.47
C VAL A 654 -15.25 38.47 -5.07
N ASP A 655 -15.37 39.62 -5.72
CA ASP A 655 -16.64 40.03 -6.32
C ASP A 655 -17.12 39.02 -7.35
N ASN A 656 -16.18 38.48 -8.10
CA ASN A 656 -16.51 37.58 -9.20
C ASN A 656 -16.45 36.12 -8.75
N PHE A 657 -16.76 35.88 -7.48
CA PHE A 657 -16.90 34.51 -6.98
C PHE A 657 -18.24 33.94 -7.40
N HIS A 658 -18.30 32.62 -7.53
CA HIS A 658 -19.53 31.96 -7.95
C HIS A 658 -20.17 31.26 -6.75
N LEU A 659 -20.66 32.06 -5.80
CA LEU A 659 -21.26 31.54 -4.59
C LEU A 659 -22.59 30.84 -4.87
N GLY A 660 -23.51 31.55 -5.50
CA GLY A 660 -24.84 31.02 -5.75
C GLY A 660 -24.84 29.67 -6.45
N ASP A 661 -25.81 28.83 -6.10
CA ASP A 661 -25.98 27.53 -6.74
C ASP A 661 -26.71 27.71 -8.08
N ASP A 662 -27.13 26.60 -8.68
CA ASP A 662 -27.84 26.65 -9.95
C ASP A 662 -28.84 25.52 -10.09
N ASP A 664 -31.00 22.16 -11.03
CA ASP A 664 -30.70 20.74 -10.95
C ASP A 664 -30.83 20.10 -12.34
N PRO A 665 -30.03 19.06 -12.63
CA PRO A 665 -30.17 18.41 -13.94
C PRO A 665 -31.58 17.91 -14.22
N GLU A 666 -32.28 17.42 -13.18
CA GLU A 666 -33.65 16.94 -13.36
C GLU A 666 -34.56 18.08 -13.77
N LEU A 667 -34.45 19.22 -13.09
CA LEU A 667 -35.23 20.39 -13.42
C LEU A 667 -35.03 20.77 -14.88
N ARG A 668 -33.78 21.00 -15.26
CA ARG A 668 -33.44 21.43 -16.61
C ARG A 668 -33.98 20.47 -17.67
N THR A 669 -33.65 19.20 -17.53
CA THR A 669 -34.06 18.20 -18.52
C THR A 669 -35.57 18.05 -18.55
N LEU A 670 -36.19 18.00 -17.38
CA LEU A 670 -37.64 17.84 -17.28
C LEU A 670 -38.34 19.12 -17.71
N ALA A 671 -37.74 20.26 -17.39
CA ALA A 671 -38.33 21.56 -17.74
C ALA A 671 -38.37 21.74 -19.25
N GLN A 672 -37.25 21.49 -19.91
CA GLN A 672 -37.14 21.68 -21.35
C GLN A 672 -38.09 20.76 -22.09
N SER A 673 -38.21 19.52 -21.61
CA SER A 673 -39.06 18.53 -22.26
C SER A 673 -40.51 18.98 -22.30
N LEU A 674 -41.04 19.41 -21.16
CA LEU A 674 -42.41 19.90 -21.07
C LEU A 674 -42.67 21.00 -22.10
N ILE A 675 -41.71 21.91 -22.22
CA ILE A 675 -41.82 23.01 -23.18
C ILE A 675 -41.88 22.44 -24.60
N ASP A 676 -40.90 21.62 -24.94
CA ASP A 676 -40.82 21.01 -26.27
C ASP A 676 -42.18 20.51 -26.72
N VAL A 677 -42.84 19.72 -25.87
CA VAL A 677 -44.14 19.17 -26.19
C VAL A 677 -45.10 20.29 -26.60
N LYS A 678 -45.27 21.28 -25.73
CA LYS A 678 -46.16 22.39 -26.00
C LYS A 678 -45.70 23.18 -27.22
N VAL A 679 -44.38 23.22 -27.44
CA VAL A 679 -43.84 23.90 -28.61
C VAL A 679 -44.00 22.98 -29.83
N LYS A 680 -44.05 21.68 -29.59
CA LYS A 680 -44.31 20.72 -30.66
C LYS A 680 -45.78 20.79 -31.07
N GLU A 681 -46.64 21.14 -30.10
CA GLU A 681 -48.08 21.16 -30.31
C GLU A 681 -48.54 22.49 -30.89
N ILE A 682 -48.43 23.55 -30.11
CA ILE A 682 -48.81 24.89 -30.55
C ILE A 682 -47.70 25.88 -30.19
N SER A 683 -46.93 26.39 -31.15
CA SER A 683 -46.95 26.06 -32.58
C SER A 683 -45.74 25.21 -32.92
N ASN A 684 -45.89 24.28 -33.86
CA ASN A 684 -44.77 23.42 -34.22
C ASN A 684 -43.63 24.26 -34.79
N GLN A 685 -42.78 24.74 -33.88
CA GLN A 685 -41.60 25.52 -34.23
C GLN A 685 -40.46 24.99 -33.38
N GLU A 686 -39.23 25.24 -33.77
CA GLU A 686 -38.10 24.74 -32.99
C GLU A 686 -38.16 25.31 -31.57
N PRO A 687 -38.27 24.43 -30.55
CA PRO A 687 -38.19 24.96 -29.19
C PRO A 687 -36.80 25.45 -28.85
N LEU A 688 -36.68 26.69 -28.40
CA LEU A 688 -35.39 27.23 -27.98
C LEU A 688 -35.22 26.95 -26.49
N LYS A 689 -33.96 26.77 -26.07
CA LYS A 689 -33.67 26.26 -24.74
C LYS A 689 -34.02 27.25 -23.63
N LEU A 690 -33.85 26.80 -22.39
CA LEU A 690 -34.42 27.48 -21.23
C LEU A 690 -33.72 28.78 -20.86
N LEU A 691 -32.40 28.83 -21.04
CA LEU A 691 -31.61 29.99 -20.65
C LEU A 691 -31.73 30.24 -19.15
#